data_8K1L
#
_entry.id   8K1L
#
_cell.length_a   1.00
_cell.length_b   1.00
_cell.length_c   1.00
_cell.angle_alpha   90.00
_cell.angle_beta   90.00
_cell.angle_gamma   90.00
#
_symmetry.space_group_name_H-M   'P 1'
#
loop_
_entity.id
_entity.type
_entity.pdbx_description
1 polymer 'Na+,K+-ATPase alpha2KK'
2 polymer 'Na+,K+-ATPase beta2'
3 non-polymer 'TETRAFLUOROALUMINATE ION'
#
loop_
_entity_poly.entity_id
_entity_poly.type
_entity_poly.pdbx_seq_one_letter_code
_entity_poly.pdbx_strand_id
1 'polypeptide(L)'
;MGKKQGKQLSDLKKELELDQHKIPLEELCRRLGTNTETGLTSSQAKSHLEKYGPNALTPPRTTPEWIKFCKQLFGGFQML
LWIGSILCFIAYTMEKYKNPDVLGDNLYLGLALLFVVIMTGCFAYYQDHNASKIMDSFKNLMPQFAFVIRDGKKIQLKAE
EVTVGDLVEVKFGDRIPADIRITSCQSMKVDNSSLTGESEPQSRSTECTNDNPLETKNLAFFFTNTLEGTGRGIVINVGD
DSVMGRIACLASSLDSGKTPIAREIEHFIHIITAMAVSLAAVFAVISFLYGYTWLEAAIFMIGIIVAKVPEGLLATVTVC
LTLTAKRMAKKNCLVRNLEAVETLGSTSTICSDKTGTLTQNRMTVAHMWFDQKIVTADTTENQSGNQLYRGSKGFPELIR
VASLCSRAEFKTEHAHLPVLKRDVNGDASEAAILKFAEMSTGSVMNIRSKQKKVSEIPFNSANKYQVSVHEREDKSGYFL
VMKGAPERILERCSTILIDGTEIPLDNHMKECFNNAYMELGGMGERVLGFCDFELPSDQYPRGYVFDADEPNFPISGLRF
VGLMSMIDPPRAAVPDAVSKCRSAGIKVIMVTGDHPITAKAIARQVGIISEGHETVDDIAARLNIPVSEVNPRSAQAAVI
HGNDLKDMNSDQLDDILRHYREIVFARTSPQQKLIIVEGVQRQGEFVAVTGDGVNDSPALKKADIGVAMGIAGSDVSKQA
ADMILLDDNFASIVTGVEEGRLIFDNIKKSIAYTLTSKIPELSPFLMYILFDLPLAIGTVTILCIDLGTDVVPAISMAYE
GPEADPRKPRDPVKEKLVNERLISMAYGQIGVMQAFGGFFTYFVIMGECGFLPNRLFGLRKWWESKAYNDLTDSYGQEWT
WDARKQLEYTCHTAFFISIVIVQWTDLIICKTRRLSLFQQGMKNGTLNFALVFETCVAAFLSYTPGMDKGLRMYPLKIWW
WFPPMPFSLLILVYDECRKFLMRRNPGGFLERETYY
;
A
2 'polypeptide(L)'
;MGDYKDDDDKSSGENLYFQGMADKKPEEFFVGSGPKPTKWQSVKTFIWNSETSEFMGRTGVNWAKITIFYVIFYTLLAGF
FAGMLMIFYQTLDFKIPKWQNKDSLIGTNPGLGFRPMPPEAQVDSTLIQFKHGIKGDWQYWVHSLTEFLEPYETLTSSGQ
EFTNCDFDKPPQEGKACNFNVELLGDHCTKENNFGYELGKPCVLIKLNKIFGWRPEVYNSSAEVPEDMPADLKSYIKDIE
TGNKTHMNMVWLSCEGETANDKEKIGTITYTPFRGFPAYYYPYLNVPGYLTPVVALQFGSLQNGQAVNVECKAWANNISR
DRQRRLGSVHFEIRMD
;
B
#
# COMPACT_ATOMS: atom_id res chain seq x y z
N LEU A 18 14.42 33.99 -27.42
CA LEU A 18 13.88 33.89 -28.77
C LEU A 18 13.07 35.13 -29.12
N ASP A 19 13.63 35.96 -30.00
CA ASP A 19 13.00 37.21 -30.41
C ASP A 19 12.80 37.27 -31.93
N GLN A 20 12.69 36.10 -32.56
CA GLN A 20 12.57 36.07 -34.02
C GLN A 20 11.25 36.66 -34.49
N HIS A 21 10.19 36.55 -33.68
CA HIS A 21 8.94 37.19 -34.04
C HIS A 21 9.07 38.71 -34.02
N LYS A 22 9.88 39.24 -33.10
CA LYS A 22 10.07 40.69 -33.04
C LYS A 22 10.87 41.20 -34.24
N ILE A 23 11.94 40.51 -34.62
CA ILE A 23 12.80 40.94 -35.70
C ILE A 23 12.05 40.82 -37.02
N PRO A 24 12.34 41.64 -38.03
CA PRO A 24 11.58 41.59 -39.27
C PRO A 24 11.85 40.31 -40.05
N LEU A 25 11.06 40.14 -41.12
CA LEU A 25 11.15 38.93 -41.93
C LEU A 25 12.52 38.81 -42.59
N GLU A 26 13.06 39.93 -43.09
CA GLU A 26 14.36 39.89 -43.75
C GLU A 26 15.46 39.45 -42.79
N GLU A 27 15.39 39.91 -41.54
CA GLU A 27 16.40 39.53 -40.56
C GLU A 27 16.40 38.02 -40.33
N LEU A 28 15.22 37.43 -40.17
CA LEU A 28 15.14 35.98 -40.01
C LEU A 28 15.59 35.25 -41.27
N CYS A 29 15.24 35.78 -42.44
CA CYS A 29 15.66 35.15 -43.69
C CYS A 29 17.18 35.12 -43.81
N ARG A 30 17.86 36.21 -43.46
CA ARG A 30 19.31 36.21 -43.49
C ARG A 30 19.90 35.40 -42.35
N ARG A 31 19.19 35.28 -41.23
CA ARG A 31 19.65 34.42 -40.15
C ARG A 31 19.66 32.96 -40.57
N LEU A 32 18.62 32.52 -41.28
CA LEU A 32 18.47 31.12 -41.67
C LEU A 32 18.77 30.88 -43.14
N GLY A 33 19.16 31.90 -43.89
CA GLY A 33 19.36 31.73 -45.33
C GLY A 33 18.08 31.35 -46.06
N THR A 34 16.97 32.01 -45.73
CA THR A 34 15.66 31.67 -46.24
C THR A 34 15.22 32.67 -47.29
N ASN A 35 14.34 32.22 -48.19
CA ASN A 35 13.76 33.07 -49.23
C ASN A 35 12.26 33.15 -49.04
N THR A 36 11.70 34.34 -49.24
CA THR A 36 10.26 34.53 -49.07
C THR A 36 9.45 33.90 -50.20
N GLU A 37 10.09 33.46 -51.28
CA GLU A 37 9.39 32.89 -52.41
C GLU A 37 9.73 31.44 -52.70
N THR A 38 10.95 31.00 -52.40
CA THR A 38 11.32 29.60 -52.56
C THR A 38 11.79 28.93 -51.28
N GLY A 39 12.17 29.70 -50.27
CA GLY A 39 12.53 29.14 -48.98
C GLY A 39 13.92 28.56 -48.91
N LEU A 40 14.11 27.39 -49.52
CA LEU A 40 15.39 26.69 -49.49
C LEU A 40 15.49 25.78 -50.70
N THR A 41 16.69 25.27 -50.92
CA THR A 41 16.96 24.27 -51.95
C THR A 41 17.17 22.90 -51.31
N SER A 42 17.28 21.88 -52.16
CA SER A 42 17.43 20.52 -51.67
C SER A 42 18.73 20.35 -50.89
N SER A 43 19.83 20.93 -51.38
CA SER A 43 21.10 20.80 -50.67
C SER A 43 21.05 21.52 -49.33
N GLN A 44 20.47 22.71 -49.29
CA GLN A 44 20.32 23.42 -48.03
C GLN A 44 19.36 22.68 -47.10
N ALA A 45 18.35 22.01 -47.67
CA ALA A 45 17.46 21.17 -46.86
C ALA A 45 18.23 20.01 -46.24
N LYS A 46 19.07 19.34 -47.02
CA LYS A 46 19.92 18.28 -46.48
C LYS A 46 20.84 18.81 -45.39
N SER A 47 21.40 19.99 -45.60
CA SER A 47 22.27 20.59 -44.60
C SER A 47 21.52 20.88 -43.31
N HIS A 48 20.31 21.44 -43.41
CA HIS A 48 19.53 21.71 -42.21
C HIS A 48 19.11 20.43 -41.50
N LEU A 49 18.79 19.39 -42.27
CA LEU A 49 18.46 18.10 -41.67
C LEU A 49 19.64 17.56 -40.88
N GLU A 50 20.84 17.55 -41.47
CA GLU A 50 21.99 17.01 -40.75
C GLU A 50 22.39 17.90 -39.58
N LYS A 51 22.17 19.21 -39.69
CA LYS A 51 22.42 20.10 -38.57
C LYS A 51 21.49 19.76 -37.41
N TYR A 52 20.19 19.69 -37.67
CA TYR A 52 19.23 19.18 -36.70
C TYR A 52 17.94 18.75 -37.40
N GLY A 53 17.64 17.46 -37.34
CA GLY A 53 16.45 16.95 -37.98
C GLY A 53 15.49 16.16 -37.10
N PRO A 54 15.23 16.61 -35.85
CA PRO A 54 14.25 15.88 -35.04
C PRO A 54 12.83 16.04 -35.58
N ASN A 55 12.39 17.30 -35.74
CA ASN A 55 11.06 17.67 -36.21
C ASN A 55 9.98 16.81 -35.58
N ALA A 56 10.20 16.42 -34.33
CA ALA A 56 9.30 15.52 -33.62
C ALA A 56 9.75 15.48 -32.17
N LEU A 57 8.93 14.86 -31.33
CA LEU A 57 9.23 14.74 -29.91
C LEU A 57 10.17 13.55 -29.71
N THR A 58 11.36 13.82 -29.19
CA THR A 58 12.34 12.77 -29.00
C THR A 58 11.82 11.74 -27.99
N PRO A 59 11.94 10.45 -28.28
CA PRO A 59 11.42 9.45 -27.33
C PRO A 59 12.15 9.53 -26.02
N PRO A 60 11.48 9.22 -24.91
CA PRO A 60 12.08 9.43 -23.59
C PRO A 60 12.93 8.24 -23.16
N ARG A 61 13.91 8.54 -22.31
CA ARG A 61 14.73 7.47 -21.75
C ARG A 61 13.89 6.65 -20.78
N THR A 62 13.92 5.34 -20.98
CA THR A 62 13.15 4.41 -20.17
C THR A 62 14.05 3.33 -19.59
N THR A 63 13.68 2.84 -18.42
CA THR A 63 14.39 1.75 -17.77
C THR A 63 13.59 0.47 -17.89
N PRO A 64 14.23 -0.66 -18.15
CA PRO A 64 13.49 -1.92 -18.35
C PRO A 64 12.73 -2.34 -17.10
N GLU A 65 11.79 -3.26 -17.28
CA GLU A 65 11.01 -3.74 -16.15
C GLU A 65 11.82 -4.63 -15.22
N TRP A 66 12.75 -5.41 -15.78
CA TRP A 66 13.52 -6.35 -14.96
C TRP A 66 14.37 -5.63 -13.92
N ILE A 67 15.01 -4.53 -14.31
CA ILE A 67 15.88 -3.81 -13.37
C ILE A 67 15.03 -3.13 -12.29
N LYS A 68 13.88 -2.59 -12.67
CA LYS A 68 12.98 -2.01 -11.66
C LYS A 68 12.46 -3.08 -10.72
N PHE A 69 12.10 -4.25 -11.25
CA PHE A 69 11.67 -5.35 -10.40
C PHE A 69 12.82 -5.86 -9.54
N CYS A 70 14.01 -5.97 -10.13
CA CYS A 70 15.16 -6.49 -9.39
C CYS A 70 15.50 -5.61 -8.19
N LYS A 71 15.51 -4.29 -8.40
CA LYS A 71 15.76 -3.38 -7.28
C LYS A 71 14.59 -3.32 -6.32
N GLN A 72 13.42 -3.83 -6.73
CA GLN A 72 12.28 -3.95 -5.82
C GLN A 72 12.35 -5.22 -4.99
N LEU A 73 13.20 -6.18 -5.38
CA LEU A 73 13.39 -7.39 -4.58
C LEU A 73 14.15 -7.11 -3.30
N PHE A 74 14.86 -5.99 -3.24
CA PHE A 74 15.66 -5.62 -2.07
C PHE A 74 14.98 -4.48 -1.33
N GLY A 75 14.99 -4.56 0.00
CA GLY A 75 14.41 -3.52 0.82
C GLY A 75 14.88 -3.59 2.26
N GLY A 76 13.98 -3.31 3.20
CA GLY A 76 14.30 -3.46 4.61
C GLY A 76 13.73 -4.75 5.16
N PHE A 77 12.55 -5.12 4.70
CA PHE A 77 11.89 -6.36 5.10
C PHE A 77 12.31 -7.54 4.23
N GLN A 78 12.96 -7.30 3.10
CA GLN A 78 13.42 -8.36 2.22
C GLN A 78 14.91 -8.61 2.29
N MET A 79 15.71 -7.58 2.58
CA MET A 79 17.14 -7.79 2.80
C MET A 79 17.37 -8.66 4.03
N LEU A 80 16.59 -8.45 5.09
CA LEU A 80 16.70 -9.28 6.28
C LEU A 80 16.30 -10.73 5.97
N LEU A 81 15.23 -10.92 5.20
CA LEU A 81 14.85 -12.26 4.80
C LEU A 81 15.85 -12.86 3.82
N TRP A 82 16.65 -12.02 3.15
CA TRP A 82 17.77 -12.54 2.39
C TRP A 82 18.83 -13.13 3.30
N ILE A 83 19.15 -12.43 4.39
CA ILE A 83 20.11 -12.97 5.35
C ILE A 83 19.53 -14.18 6.06
N GLY A 84 18.22 -14.15 6.35
CA GLY A 84 17.60 -15.30 6.98
C GLY A 84 17.56 -16.52 6.08
N SER A 85 17.20 -16.31 4.80
CA SER A 85 17.13 -17.44 3.87
C SER A 85 18.50 -18.07 3.65
N ILE A 86 19.53 -17.24 3.52
CA ILE A 86 20.88 -17.76 3.30
C ILE A 86 21.35 -18.54 4.54
N LEU A 87 21.02 -18.04 5.73
CA LEU A 87 21.56 -18.64 6.95
C LEU A 87 21.07 -20.08 7.13
N CYS A 88 19.79 -20.34 6.88
CA CYS A 88 19.29 -21.71 7.01
C CYS A 88 19.83 -22.60 5.90
N PHE A 89 20.19 -22.03 4.75
CA PHE A 89 20.88 -22.81 3.74
C PHE A 89 22.24 -23.27 4.25
N ILE A 90 22.96 -22.39 4.93
CA ILE A 90 24.22 -22.77 5.56
C ILE A 90 23.97 -23.74 6.70
N ALA A 91 22.91 -23.51 7.47
CA ALA A 91 22.58 -24.40 8.57
C ALA A 91 22.29 -25.82 8.09
N TYR A 92 21.59 -25.96 6.97
CA TYR A 92 21.32 -27.28 6.43
C TYR A 92 22.60 -27.95 5.95
N THR A 93 23.53 -27.17 5.40
CA THR A 93 24.80 -27.73 4.96
C THR A 93 25.60 -28.27 6.14
N MET A 94 25.60 -27.54 7.26
CA MET A 94 26.30 -28.02 8.45
C MET A 94 25.72 -29.34 8.94
N GLU A 95 24.39 -29.44 8.95
CA GLU A 95 23.75 -30.67 9.39
C GLU A 95 24.03 -31.83 8.45
N LYS A 96 24.04 -31.57 7.14
CA LYS A 96 24.20 -32.67 6.18
C LYS A 96 25.59 -33.28 6.25
N TYR A 97 26.63 -32.45 6.29
CA TYR A 97 27.99 -32.98 6.32
C TYR A 97 28.44 -33.40 7.71
N LYS A 98 27.69 -33.07 8.75
CA LYS A 98 27.90 -33.62 10.08
C LYS A 98 26.88 -34.68 10.45
N ASN A 99 25.88 -34.90 9.59
CA ASN A 99 24.88 -35.94 9.81
C ASN A 99 24.36 -36.32 8.42
N PRO A 100 24.88 -37.39 7.82
CA PRO A 100 24.49 -37.71 6.44
C PRO A 100 23.02 -38.04 6.26
N ASP A 101 22.30 -38.38 7.33
CA ASP A 101 20.91 -38.77 7.24
C ASP A 101 19.98 -37.75 7.90
N VAL A 102 20.34 -36.48 7.88
CA VAL A 102 19.48 -35.43 8.43
C VAL A 102 18.34 -35.18 7.45
N LEU A 103 17.12 -35.13 7.96
CA LEU A 103 15.98 -34.85 7.12
C LEU A 103 15.98 -33.38 6.68
N GLY A 104 15.22 -33.10 5.64
CA GLY A 104 15.18 -31.75 5.10
C GLY A 104 14.17 -30.87 5.81
N ASP A 105 14.65 -30.05 6.74
CA ASP A 105 13.82 -29.11 7.47
C ASP A 105 14.30 -27.68 7.33
N ASN A 106 15.61 -27.45 7.43
CA ASN A 106 16.15 -26.12 7.23
C ASN A 106 16.22 -25.76 5.75
N LEU A 107 16.43 -26.75 4.88
CA LEU A 107 16.46 -26.47 3.45
C LEU A 107 15.10 -26.02 2.93
N TYR A 108 14.04 -26.72 3.33
CA TYR A 108 12.70 -26.34 2.88
C TYR A 108 12.25 -25.05 3.54
N LEU A 109 12.64 -24.84 4.80
CA LEU A 109 12.45 -23.52 5.41
C LEU A 109 13.29 -22.47 4.68
N GLY A 110 14.49 -22.85 4.25
CA GLY A 110 15.29 -21.94 3.45
C GLY A 110 14.62 -21.54 2.15
N LEU A 111 14.02 -22.52 1.46
CA LEU A 111 13.26 -22.21 0.26
C LEU A 111 12.04 -21.36 0.60
N ALA A 112 11.37 -21.67 1.70
CA ALA A 112 10.14 -20.96 2.07
C ALA A 112 10.40 -19.48 2.25
N LEU A 113 11.43 -19.13 3.02
CA LEU A 113 11.74 -17.72 3.24
C LEU A 113 12.15 -17.04 1.94
N LEU A 114 12.79 -17.77 1.04
CA LEU A 114 13.12 -17.20 -0.27
C LEU A 114 11.85 -16.87 -1.05
N PHE A 115 10.87 -17.77 -1.00
CA PHE A 115 9.61 -17.51 -1.70
C PHE A 115 8.90 -16.29 -1.14
N VAL A 116 9.04 -16.06 0.17
CA VAL A 116 8.47 -14.86 0.78
C VAL A 116 9.12 -13.61 0.21
N VAL A 117 10.42 -13.67 -0.06
CA VAL A 117 11.11 -12.51 -0.64
C VAL A 117 10.54 -12.19 -2.02
N ILE A 118 10.38 -13.22 -2.86
CA ILE A 118 9.86 -13.01 -4.21
C ILE A 118 8.39 -12.58 -4.21
N MET A 119 7.54 -13.26 -3.43
CA MET A 119 6.13 -12.91 -3.41
C MET A 119 5.89 -11.50 -2.86
N THR A 120 6.59 -11.11 -1.81
CA THR A 120 6.54 -9.73 -1.33
C THR A 120 7.32 -8.78 -2.23
N GLY A 121 8.33 -9.29 -2.94
CA GLY A 121 9.05 -8.47 -3.91
C GLY A 121 8.28 -8.35 -5.20
N CYS A 122 7.17 -9.08 -5.32
CA CYS A 122 6.26 -8.95 -6.44
C CYS A 122 5.00 -8.16 -6.10
N PHE A 123 4.60 -8.15 -4.84
CA PHE A 123 3.49 -7.31 -4.42
C PHE A 123 3.88 -5.83 -4.44
N ALA A 124 5.13 -5.53 -4.07
CA ALA A 124 5.59 -4.15 -4.13
C ALA A 124 5.64 -3.64 -5.56
N TYR A 125 6.02 -4.50 -6.51
CA TYR A 125 6.06 -4.10 -7.91
C TYR A 125 4.67 -3.71 -8.42
N TYR A 126 3.65 -4.50 -8.07
CA TYR A 126 2.31 -4.20 -8.54
C TYR A 126 1.78 -2.90 -7.95
N GLN A 127 2.26 -2.52 -6.76
CA GLN A 127 1.84 -1.25 -6.17
C GLN A 127 2.36 -0.07 -6.97
N ASP A 128 3.61 -0.13 -7.42
CA ASP A 128 4.22 0.92 -8.22
C ASP A 128 4.41 0.38 -9.63
N HIS A 129 3.36 0.48 -10.43
CA HIS A 129 3.34 0.00 -11.81
C HIS A 129 2.80 1.10 -12.73
N ASN A 130 3.37 2.29 -12.59
CA ASN A 130 2.92 3.44 -13.36
C ASN A 130 3.09 3.19 -14.85
N ALA A 131 1.98 2.99 -15.56
CA ALA A 131 1.98 2.76 -17.00
C ALA A 131 1.50 4.05 -17.66
N SER A 132 2.44 4.94 -17.94
CA SER A 132 2.14 6.25 -18.52
C SER A 132 3.12 6.49 -19.66
N LYS A 133 2.75 6.05 -20.86
CA LYS A 133 3.56 6.28 -22.06
C LYS A 133 3.13 7.58 -22.75
N ILE A 134 3.28 8.67 -22.01
CA ILE A 134 2.75 9.96 -22.47
C ILE A 134 3.37 10.37 -23.79
N MET A 135 4.60 9.92 -24.07
CA MET A 135 5.20 10.20 -25.37
C MET A 135 4.46 9.46 -26.47
N ASP A 136 4.15 8.19 -26.26
CA ASP A 136 3.32 7.44 -27.20
C ASP A 136 1.87 7.93 -27.19
N SER A 137 1.47 8.74 -26.20
CA SER A 137 0.15 9.33 -26.18
C SER A 137 0.01 10.51 -27.15
N PHE A 138 1.12 11.09 -27.59
CA PHE A 138 1.09 12.13 -28.61
C PHE A 138 0.97 11.47 -29.98
N LYS A 139 -0.04 10.62 -30.15
CA LYS A 139 -0.19 9.88 -31.40
C LYS A 139 -0.62 10.79 -32.54
N ASN A 140 -1.36 11.85 -32.23
CA ASN A 140 -1.83 12.77 -33.25
C ASN A 140 -0.70 13.45 -34.01
N LEU A 141 0.11 14.25 -33.32
CA LEU A 141 1.17 15.03 -33.95
C LEU A 141 0.68 15.77 -35.18
N MET A 142 1.13 15.33 -36.36
CA MET A 142 0.88 16.02 -37.61
C MET A 142 1.10 15.15 -38.85
N PRO A 143 0.36 14.07 -39.01
CA PRO A 143 0.55 13.21 -40.19
C PRO A 143 0.10 13.91 -41.46
N GLN A 144 0.72 13.52 -42.58
CA GLN A 144 0.38 14.01 -43.90
C GLN A 144 0.53 15.53 -44.00
N PHE A 145 1.79 15.95 -43.92
CA PHE A 145 2.14 17.35 -44.14
C PHE A 145 1.64 17.80 -45.50
N ALA A 146 1.09 19.02 -45.55
CA ALA A 146 0.30 19.44 -46.71
C ALA A 146 1.16 19.94 -47.87
N PHE A 147 1.85 21.07 -47.69
CA PHE A 147 2.52 21.70 -48.82
C PHE A 147 3.72 22.51 -48.36
N VAL A 148 4.78 22.47 -49.16
CA VAL A 148 6.03 23.17 -48.91
C VAL A 148 6.50 23.81 -50.20
N ILE A 149 6.98 25.05 -50.12
CA ILE A 149 7.30 25.83 -51.30
C ILE A 149 8.79 25.75 -51.65
N ARG A 150 9.49 24.76 -51.11
CA ARG A 150 10.89 24.56 -51.46
C ARG A 150 11.01 24.17 -52.94
N ASP A 151 12.09 24.62 -53.56
CA ASP A 151 12.38 24.38 -54.98
C ASP A 151 11.31 24.97 -55.89
N GLY A 152 10.58 25.98 -55.43
CA GLY A 152 9.57 26.61 -56.24
C GLY A 152 8.38 25.75 -56.58
N LYS A 153 8.20 24.62 -55.89
CA LYS A 153 7.12 23.70 -56.17
C LYS A 153 6.56 23.18 -54.85
N LYS A 154 5.26 22.89 -54.84
CA LYS A 154 4.62 22.36 -53.64
C LYS A 154 4.77 20.85 -53.58
N ILE A 155 5.27 20.35 -52.46
CA ILE A 155 5.48 18.92 -52.25
C ILE A 155 4.68 18.47 -51.04
N GLN A 156 3.86 17.44 -51.24
CA GLN A 156 3.06 16.83 -50.17
C GLN A 156 3.89 15.73 -49.47
N LEU A 157 5.03 16.15 -48.93
CA LEU A 157 6.03 15.22 -48.42
C LEU A 157 5.68 14.78 -46.99
N LYS A 158 6.61 14.06 -46.36
CA LYS A 158 6.32 13.38 -45.10
C LYS A 158 6.13 14.38 -43.97
N ALA A 159 5.80 13.85 -42.79
CA ALA A 159 5.54 14.67 -41.63
C ALA A 159 6.82 15.27 -41.03
N GLU A 160 7.92 14.53 -41.04
CA GLU A 160 9.10 14.89 -40.28
C GLU A 160 10.19 15.59 -41.07
N GLU A 161 10.21 15.42 -42.40
CA GLU A 161 11.35 15.91 -43.19
C GLU A 161 11.52 17.42 -43.08
N VAL A 162 10.46 18.14 -42.72
CA VAL A 162 10.47 19.60 -42.69
C VAL A 162 11.48 20.11 -41.67
N THR A 163 12.24 21.14 -42.03
CA THR A 163 13.27 21.70 -41.17
C THR A 163 13.16 23.21 -41.14
N VAL A 164 14.09 23.84 -40.41
CA VAL A 164 14.10 25.29 -40.29
C VAL A 164 14.50 25.94 -41.61
N GLY A 165 14.18 27.23 -41.73
CA GLY A 165 14.44 27.94 -42.96
C GLY A 165 13.62 27.48 -44.14
N ASP A 166 12.53 26.75 -43.90
CA ASP A 166 11.73 26.15 -44.94
C ASP A 166 10.35 26.78 -44.96
N LEU A 167 9.95 27.28 -46.12
CA LEU A 167 8.64 27.90 -46.28
C LEU A 167 7.57 26.82 -46.33
N VAL A 168 6.58 26.92 -45.44
CA VAL A 168 5.48 25.96 -45.39
C VAL A 168 4.22 26.63 -45.90
N GLU A 169 3.26 25.79 -46.30
CA GLU A 169 1.97 26.26 -46.82
C GLU A 169 0.85 25.62 -46.02
N VAL A 170 0.36 26.34 -45.01
CA VAL A 170 -0.74 25.82 -44.15
C VAL A 170 -2.07 26.30 -44.74
N LYS A 171 -3.13 25.50 -44.58
CA LYS A 171 -4.47 25.90 -45.09
C LYS A 171 -5.48 25.81 -43.95
N PHE A 172 -6.56 25.04 -44.14
CA PHE A 172 -7.61 24.90 -43.10
C PHE A 172 -7.52 23.51 -42.48
N GLY A 173 -7.35 23.44 -41.16
CA GLY A 173 -7.31 22.13 -40.47
C GLY A 173 -6.23 21.22 -41.01
N ASP A 174 -4.97 21.65 -40.90
CA ASP A 174 -3.83 20.78 -41.34
C ASP A 174 -2.79 20.70 -40.22
N ARG A 175 -3.16 21.13 -39.01
CA ARG A 175 -2.23 21.07 -37.85
C ARG A 175 -0.90 21.71 -38.23
N ILE A 176 -0.81 23.05 -38.14
CA ILE A 176 0.43 23.78 -38.52
C ILE A 176 1.64 22.84 -38.38
N PRO A 177 2.44 22.63 -39.45
CA PRO A 177 3.55 21.67 -39.43
C PRO A 177 4.61 21.91 -38.34
N ALA A 178 5.01 23.16 -38.13
CA ALA A 178 6.08 23.44 -37.15
C ALA A 178 6.06 24.92 -36.77
N ASP A 179 6.84 25.30 -35.75
CA ASP A 179 6.82 26.72 -35.30
C ASP A 179 7.26 27.61 -36.47
N ILE A 180 6.32 28.37 -37.04
CA ILE A 180 6.64 29.20 -38.25
C ILE A 180 6.42 30.67 -37.91
N ARG A 181 7.36 31.54 -38.30
CA ARG A 181 7.15 32.99 -38.09
C ARG A 181 6.18 33.47 -39.17
N ILE A 182 4.90 33.65 -38.82
CA ILE A 182 3.89 34.00 -39.85
C ILE A 182 4.49 35.06 -40.77
N THR A 183 4.52 34.79 -42.08
CA THR A 183 5.10 35.75 -43.06
C THR A 183 3.96 36.42 -43.84
N SER A 184 2.96 35.63 -44.26
CA SER A 184 1.85 36.19 -45.07
C SER A 184 0.59 35.36 -44.84
N CYS A 185 -0.57 36.01 -44.73
CA CYS A 185 -1.80 35.27 -44.45
C CYS A 185 -2.98 36.22 -44.57
N GLN A 186 -4.17 35.65 -44.75
CA GLN A 186 -5.40 36.41 -44.81
C GLN A 186 -6.53 35.60 -44.17
N SER A 187 -7.35 36.27 -43.36
CA SER A 187 -8.44 35.62 -42.63
C SER A 187 -7.91 34.47 -41.76
N MET A 188 -6.66 34.60 -41.33
CA MET A 188 -5.96 33.55 -40.61
C MET A 188 -6.44 33.48 -39.17
N LYS A 189 -7.13 32.41 -38.82
CA LYS A 189 -7.46 32.13 -37.43
C LYS A 189 -7.01 30.72 -37.09
N VAL A 190 -6.29 30.58 -35.97
CA VAL A 190 -5.82 29.30 -35.48
C VAL A 190 -6.28 29.15 -34.04
N ASP A 191 -6.29 27.90 -33.57
CA ASP A 191 -6.72 27.58 -32.22
C ASP A 191 -5.56 26.91 -31.49
N ASN A 192 -4.86 27.65 -30.65
CA ASN A 192 -3.83 27.08 -29.80
C ASN A 192 -4.44 26.48 -28.53
N SER A 193 -5.43 25.60 -28.72
CA SER A 193 -6.07 24.92 -27.61
C SER A 193 -5.14 23.95 -26.92
N SER A 194 -4.01 23.62 -27.54
CA SER A 194 -2.97 22.83 -26.90
C SER A 194 -1.95 23.70 -26.19
N LEU A 195 -2.18 25.01 -26.12
CA LEU A 195 -1.28 25.95 -25.46
C LEU A 195 -1.90 26.63 -24.26
N THR A 196 -3.15 27.07 -24.37
CA THR A 196 -3.84 27.75 -23.28
C THR A 196 -5.15 27.10 -22.90
N GLY A 197 -5.48 25.94 -23.45
CA GLY A 197 -6.69 25.22 -23.13
C GLY A 197 -7.93 25.73 -23.84
N GLU A 198 -8.00 27.04 -24.10
CA GLU A 198 -9.14 27.62 -24.78
C GLU A 198 -9.07 27.31 -26.27
N SER A 199 -10.19 26.85 -26.82
CA SER A 199 -10.26 26.47 -28.23
C SER A 199 -10.84 27.57 -29.11
N GLU A 200 -11.13 28.74 -28.53
CA GLU A 200 -11.73 29.82 -29.32
C GLU A 200 -10.74 30.28 -30.39
N PRO A 201 -11.20 30.52 -31.62
CA PRO A 201 -10.27 30.89 -32.69
C PRO A 201 -9.59 32.22 -32.39
N GLN A 202 -8.32 32.32 -32.79
CA GLN A 202 -7.54 33.53 -32.62
C GLN A 202 -7.00 33.95 -33.99
N SER A 203 -7.31 35.18 -34.39
CA SER A 203 -6.87 35.69 -35.69
C SER A 203 -5.39 36.03 -35.63
N ARG A 204 -4.64 35.56 -36.63
CA ARG A 204 -3.20 35.76 -36.70
C ARG A 204 -2.86 36.70 -37.85
N SER A 205 -1.96 37.63 -37.58
CA SER A 205 -1.50 38.58 -38.58
C SER A 205 0.01 38.70 -38.51
N THR A 206 0.62 39.05 -39.64
CA THR A 206 2.08 39.11 -39.75
C THR A 206 2.62 40.38 -39.10
N GLU A 207 2.39 40.48 -37.79
CA GLU A 207 2.83 41.63 -37.01
C GLU A 207 2.85 41.25 -35.53
N CYS A 208 3.99 41.45 -34.89
CA CYS A 208 4.12 41.15 -33.48
C CYS A 208 3.31 42.15 -32.65
N THR A 209 2.52 41.64 -31.70
CA THR A 209 1.65 42.47 -30.90
C THR A 209 2.22 42.78 -29.52
N ASN A 210 3.07 41.92 -28.97
CA ASN A 210 3.68 42.17 -27.67
C ASN A 210 4.97 41.38 -27.57
N ASP A 211 5.73 41.66 -26.51
CA ASP A 211 7.06 41.06 -26.36
C ASP A 211 6.99 39.55 -26.16
N ASN A 212 6.03 39.08 -25.37
CA ASN A 212 5.94 37.66 -25.08
C ASN A 212 5.55 36.89 -26.34
N PRO A 213 6.37 35.94 -26.81
CA PRO A 213 6.09 35.27 -28.08
C PRO A 213 4.83 34.40 -28.05
N LEU A 214 4.33 34.05 -26.88
CA LEU A 214 3.15 33.20 -26.79
C LEU A 214 1.86 33.97 -27.05
N GLU A 215 1.90 35.29 -27.04
CA GLU A 215 0.71 36.12 -27.22
C GLU A 215 0.92 37.13 -28.34
N THR A 216 1.44 36.65 -29.46
CA THR A 216 1.56 37.46 -30.67
C THR A 216 0.83 36.76 -31.80
N LYS A 217 0.14 37.56 -32.62
CA LYS A 217 -0.48 37.03 -33.83
C LYS A 217 0.55 36.75 -34.92
N ASN A 218 1.80 37.16 -34.72
CA ASN A 218 2.85 37.03 -35.71
C ASN A 218 3.46 35.64 -35.76
N LEU A 219 3.19 34.80 -34.76
CA LEU A 219 3.83 33.50 -34.62
C LEU A 219 2.79 32.40 -34.54
N ALA A 220 2.96 31.36 -35.35
CA ALA A 220 2.17 30.15 -35.24
C ALA A 220 2.88 29.17 -34.32
N PHE A 221 2.36 27.95 -34.23
CA PHE A 221 2.88 26.99 -33.27
C PHE A 221 2.75 25.58 -33.82
N PHE A 222 3.45 24.66 -33.14
CA PHE A 222 3.54 23.27 -33.60
C PHE A 222 2.17 22.61 -33.60
N PHE A 223 1.39 22.84 -32.55
CA PHE A 223 0.10 22.16 -32.36
C PHE A 223 -1.04 23.18 -32.39
N THR A 224 -1.51 23.49 -33.59
CA THR A 224 -2.73 24.25 -33.78
C THR A 224 -3.46 23.67 -34.99
N ASN A 225 -4.66 23.15 -34.78
CA ASN A 225 -5.50 22.67 -35.88
C ASN A 225 -6.23 23.87 -36.49
N THR A 226 -5.46 24.68 -37.23
CA THR A 226 -5.90 25.96 -37.76
C THR A 226 -7.28 25.90 -38.42
N LEU A 227 -8.19 26.76 -37.98
CA LEU A 227 -9.57 26.67 -38.44
C LEU A 227 -9.72 27.20 -39.86
N GLU A 228 -9.11 28.34 -40.18
CA GLU A 228 -9.22 28.93 -41.50
C GLU A 228 -8.22 30.06 -41.70
N GLY A 229 -7.74 30.25 -42.93
CA GLY A 229 -6.96 31.45 -43.22
C GLY A 229 -5.68 31.30 -44.00
N THR A 230 -5.44 30.13 -44.59
CA THR A 230 -4.24 29.89 -45.41
C THR A 230 -3.03 30.10 -44.51
N GLY A 231 -2.07 30.95 -44.87
CA GLY A 231 -0.93 31.22 -44.02
C GLY A 231 0.40 30.81 -44.62
N ARG A 232 1.42 31.64 -44.42
CA ARG A 232 2.77 31.37 -44.89
C ARG A 232 3.75 31.73 -43.79
N GLY A 233 4.69 30.84 -43.50
CA GLY A 233 5.67 31.10 -42.46
C GLY A 233 6.95 30.32 -42.70
N ILE A 234 8.02 30.83 -42.10
CA ILE A 234 9.32 30.16 -42.11
C ILE A 234 9.52 29.46 -40.77
N VAL A 235 10.03 28.23 -40.83
CA VAL A 235 10.12 27.39 -39.64
C VAL A 235 11.25 27.91 -38.76
N ILE A 236 10.90 28.43 -37.58
CA ILE A 236 11.93 28.86 -36.64
C ILE A 236 12.63 27.65 -36.02
N ASN A 237 11.88 26.60 -35.68
CA ASN A 237 12.47 25.43 -35.08
C ASN A 237 11.53 24.24 -35.25
N VAL A 238 12.08 23.04 -35.06
CA VAL A 238 11.33 21.81 -35.21
C VAL A 238 11.65 20.82 -34.08
N GLY A 239 10.77 20.73 -33.10
CA GLY A 239 10.85 19.68 -32.10
C GLY A 239 11.92 19.94 -31.06
N ASP A 240 11.56 19.64 -29.80
CA ASP A 240 12.46 19.71 -28.66
C ASP A 240 12.90 21.14 -28.35
N ASP A 241 12.49 22.08 -29.20
CA ASP A 241 12.66 23.50 -28.97
C ASP A 241 11.40 24.29 -29.30
N SER A 242 10.50 23.72 -30.10
CA SER A 242 9.18 24.31 -30.26
C SER A 242 8.42 24.26 -28.93
N VAL A 243 7.44 25.16 -28.80
CA VAL A 243 6.74 25.30 -27.53
C VAL A 243 6.09 23.98 -27.13
N MET A 244 5.45 23.30 -28.08
CA MET A 244 4.91 21.98 -27.80
C MET A 244 6.03 20.97 -27.60
N GLY A 245 7.11 21.08 -28.38
CA GLY A 245 8.22 20.15 -28.24
C GLY A 245 8.86 20.22 -26.87
N ARG A 246 9.01 21.43 -26.32
CA ARG A 246 9.58 21.56 -24.99
C ARG A 246 8.69 20.92 -23.94
N ILE A 247 7.37 21.16 -24.03
CA ILE A 247 6.45 20.64 -23.03
C ILE A 247 6.44 19.12 -23.02
N ALA A 248 6.38 18.50 -24.21
CA ALA A 248 6.37 17.05 -24.27
C ALA A 248 7.64 16.46 -23.70
N CYS A 249 8.79 17.05 -24.03
CA CYS A 249 10.05 16.60 -23.44
C CYS A 249 10.05 16.84 -21.94
N LEU A 250 9.59 18.01 -21.50
CA LEU A 250 9.60 18.33 -20.09
C LEU A 250 8.55 17.54 -19.33
N ALA A 251 7.42 17.22 -19.97
CA ALA A 251 6.43 16.35 -19.33
C ALA A 251 6.95 14.93 -19.20
N SER A 252 7.68 14.45 -20.21
CA SER A 252 8.19 13.08 -20.16
C SER A 252 9.30 12.95 -19.12
N SER A 253 10.24 13.89 -19.10
CA SER A 253 11.35 13.84 -18.16
C SER A 253 10.99 14.49 -16.83
N LEU A 254 9.89 14.02 -16.24
CA LEU A 254 9.41 14.55 -14.96
C LEU A 254 8.82 13.42 -14.14
N ASP A 255 9.09 13.45 -12.84
CA ASP A 255 8.53 12.49 -11.90
C ASP A 255 8.12 13.22 -10.63
N SER A 256 6.99 12.78 -10.07
CA SER A 256 6.51 13.39 -8.83
C SER A 256 7.44 13.11 -7.66
N GLY A 257 8.28 12.08 -7.76
CA GLY A 257 9.13 11.70 -6.65
C GLY A 257 8.59 10.49 -5.92
N LYS A 258 8.20 10.69 -4.66
CA LYS A 258 7.61 9.63 -3.85
C LYS A 258 6.24 10.09 -3.35
N THR A 259 5.23 9.24 -3.57
CA THR A 259 3.88 9.57 -3.13
C THR A 259 3.82 9.59 -1.60
N PRO A 260 2.89 10.35 -1.03
CA PRO A 260 2.85 10.48 0.43
C PRO A 260 2.71 9.16 1.17
N ILE A 261 1.91 8.24 0.65
CA ILE A 261 1.78 6.94 1.31
C ILE A 261 3.07 6.14 1.18
N ALA A 262 3.75 6.26 0.04
CA ALA A 262 5.03 5.56 -0.13
C ALA A 262 6.08 6.11 0.83
N ARG A 263 6.10 7.43 1.04
CA ARG A 263 7.05 8.01 1.98
C ARG A 263 6.80 7.51 3.39
N GLU A 264 5.53 7.39 3.78
CA GLU A 264 5.21 6.84 5.09
C GLU A 264 5.62 5.38 5.19
N ILE A 265 5.39 4.61 4.13
CA ILE A 265 5.75 3.19 4.16
C ILE A 265 7.26 3.02 4.25
N GLU A 266 8.01 3.81 3.48
CA GLU A 266 9.47 3.75 3.58
C GLU A 266 9.93 4.19 4.97
N HIS A 267 9.26 5.17 5.55
CA HIS A 267 9.54 5.55 6.93
C HIS A 267 9.17 4.42 7.88
N PHE A 268 8.07 3.72 7.61
CA PHE A 268 7.69 2.57 8.43
C PHE A 268 8.74 1.47 8.36
N ILE A 269 9.22 1.16 7.16
CA ILE A 269 10.21 0.11 6.99
C ILE A 269 11.50 0.50 7.72
N HIS A 270 11.86 1.78 7.65
CA HIS A 270 13.10 2.23 8.29
C HIS A 270 13.02 2.07 9.81
N ILE A 271 11.84 2.27 10.39
CA ILE A 271 11.70 2.14 11.83
C ILE A 271 11.80 0.69 12.26
N ILE A 272 11.09 -0.20 11.58
CA ILE A 272 11.08 -1.60 11.99
C ILE A 272 12.42 -2.26 11.72
N THR A 273 13.04 -1.96 10.56
CA THR A 273 14.37 -2.48 10.28
C THR A 273 15.38 -1.97 11.30
N ALA A 274 15.13 -0.79 11.87
CA ALA A 274 16.04 -0.25 12.88
C ALA A 274 16.09 -1.12 14.12
N MET A 275 14.91 -1.56 14.61
CA MET A 275 14.91 -2.44 15.78
C MET A 275 15.39 -3.83 15.42
N ALA A 276 14.97 -4.35 14.26
CA ALA A 276 15.29 -5.72 13.89
C ALA A 276 16.79 -5.92 13.74
N VAL A 277 17.47 -4.98 13.09
CA VAL A 277 18.92 -5.11 12.92
C VAL A 277 19.63 -4.77 14.23
N SER A 278 19.01 -3.96 15.09
CA SER A 278 19.60 -3.67 16.38
C SER A 278 19.41 -4.83 17.35
N LEU A 279 18.25 -5.48 17.31
CA LEU A 279 18.00 -6.60 18.21
C LEU A 279 18.82 -7.81 17.81
N ALA A 280 18.90 -8.10 16.50
CA ALA A 280 19.70 -9.23 16.04
C ALA A 280 21.18 -9.00 16.31
N ALA A 281 21.64 -7.75 16.18
CA ALA A 281 23.03 -7.45 16.50
C ALA A 281 23.31 -7.64 17.99
N VAL A 282 22.37 -7.24 18.84
CA VAL A 282 22.53 -7.45 20.28
C VAL A 282 22.57 -8.94 20.59
N PHE A 283 21.69 -9.72 19.96
CA PHE A 283 21.60 -11.14 20.28
C PHE A 283 22.60 -11.99 19.52
N ALA A 284 23.42 -11.39 18.68
CA ALA A 284 24.64 -12.04 18.21
C ALA A 284 25.79 -11.84 19.20
N VAL A 285 25.60 -11.00 20.21
CA VAL A 285 26.58 -10.80 21.25
C VAL A 285 26.25 -11.58 22.52
N ILE A 286 25.01 -11.57 22.99
CA ILE A 286 24.63 -12.33 24.17
C ILE A 286 24.52 -13.82 23.87
N SER A 287 24.48 -14.20 22.59
CA SER A 287 24.56 -15.61 22.21
C SER A 287 25.99 -16.13 22.29
N PHE A 288 26.92 -15.48 21.58
CA PHE A 288 28.30 -15.93 21.55
C PHE A 288 28.96 -15.86 22.93
N LEU A 289 28.47 -15.00 23.81
CA LEU A 289 28.95 -14.94 25.18
C LEU A 289 28.24 -15.93 26.09
N TYR A 290 27.33 -16.74 25.56
CA TYR A 290 26.59 -17.72 26.35
C TYR A 290 26.97 -19.16 26.04
N GLY A 291 27.84 -19.41 25.08
CA GLY A 291 28.31 -20.74 24.77
C GLY A 291 27.64 -21.40 23.59
N TYR A 292 26.70 -20.72 22.94
CA TYR A 292 26.06 -21.25 21.74
C TYR A 292 27.09 -21.53 20.66
N THR A 293 27.04 -22.74 20.11
CA THR A 293 27.91 -23.07 19.00
C THR A 293 27.45 -22.33 17.74
N TRP A 294 28.23 -22.48 16.66
CA TRP A 294 27.92 -21.79 15.43
C TRP A 294 26.55 -22.18 14.90
N LEU A 295 26.20 -23.46 15.00
CA LEU A 295 24.89 -23.90 14.54
C LEU A 295 23.78 -23.42 15.46
N GLU A 296 24.02 -23.41 16.77
CA GLU A 296 23.01 -22.96 17.71
C GLU A 296 22.68 -21.49 17.51
N ALA A 297 23.71 -20.66 17.30
CA ALA A 297 23.48 -19.26 16.99
C ALA A 297 22.83 -19.10 15.62
N ALA A 298 23.26 -19.90 14.64
CA ALA A 298 22.67 -19.84 13.31
C ALA A 298 21.20 -20.20 13.34
N ILE A 299 20.86 -21.28 14.03
CA ILE A 299 19.45 -21.67 14.16
C ILE A 299 18.68 -20.62 14.92
N PHE A 300 19.34 -19.96 15.88
CA PHE A 300 18.67 -18.94 16.67
C PHE A 300 18.46 -17.64 15.88
N MET A 301 19.40 -17.28 15.01
CA MET A 301 19.30 -16.02 14.28
C MET A 301 18.10 -16.01 13.35
N ILE A 302 17.81 -17.15 12.72
CA ILE A 302 16.65 -17.26 11.84
C ILE A 302 15.34 -17.22 12.62
N GLY A 303 15.40 -17.12 13.94
CA GLY A 303 14.20 -16.96 14.73
C GLY A 303 13.89 -15.51 15.02
N ILE A 304 14.90 -14.76 15.47
CA ILE A 304 14.69 -13.37 15.88
C ILE A 304 14.71 -12.39 14.71
N ILE A 305 14.92 -12.86 13.48
CA ILE A 305 14.77 -12.02 12.30
C ILE A 305 13.63 -12.51 11.41
N VAL A 306 12.91 -13.55 11.83
CA VAL A 306 11.69 -13.97 11.18
C VAL A 306 10.46 -13.55 11.97
N ALA A 307 10.54 -13.62 13.29
CA ALA A 307 9.46 -13.09 14.13
C ALA A 307 9.36 -11.58 14.00
N LYS A 308 10.51 -10.89 13.92
CA LYS A 308 10.50 -9.43 13.93
C LYS A 308 9.90 -8.87 12.64
N VAL A 309 10.36 -9.35 11.49
CA VAL A 309 9.92 -8.78 10.21
C VAL A 309 8.54 -9.32 9.86
N PRO A 310 7.57 -8.45 9.60
CA PRO A 310 6.26 -8.95 9.16
C PRO A 310 6.26 -9.34 7.69
N GLU A 311 6.26 -10.64 7.43
CA GLU A 311 6.29 -11.14 6.06
C GLU A 311 5.01 -10.86 5.30
N GLY A 312 3.90 -10.60 5.99
CA GLY A 312 2.64 -10.36 5.32
C GLY A 312 2.07 -8.98 5.58
N LEU A 313 2.93 -7.96 5.58
CA LEU A 313 2.49 -6.59 5.83
C LEU A 313 2.53 -5.72 4.59
N LEU A 314 3.66 -5.69 3.87
CA LEU A 314 3.72 -4.93 2.63
C LEU A 314 2.74 -5.48 1.60
N ALA A 315 2.59 -6.81 1.56
CA ALA A 315 1.57 -7.41 0.71
C ALA A 315 0.18 -7.01 1.17
N THR A 316 -0.03 -6.94 2.48
CA THR A 316 -1.34 -6.56 3.01
C THR A 316 -1.72 -5.14 2.58
N VAL A 317 -0.78 -4.21 2.66
CA VAL A 317 -1.07 -2.83 2.28
C VAL A 317 -1.37 -2.74 0.79
N THR A 318 -0.67 -3.53 -0.02
CA THR A 318 -0.91 -3.50 -1.46
C THR A 318 -2.32 -3.95 -1.78
N VAL A 319 -2.80 -5.01 -1.13
CA VAL A 319 -4.16 -5.47 -1.37
C VAL A 319 -5.17 -4.49 -0.79
N CYS A 320 -4.86 -3.88 0.36
CA CYS A 320 -5.78 -2.91 0.96
C CYS A 320 -6.00 -1.72 0.04
N LEU A 321 -4.94 -1.22 -0.59
CA LEU A 321 -5.09 -0.16 -1.57
C LEU A 321 -5.87 -0.66 -2.79
N THR A 322 -5.65 -1.91 -3.18
CA THR A 322 -6.36 -2.47 -4.33
C THR A 322 -7.86 -2.51 -4.10
N LEU A 323 -8.28 -2.92 -2.90
CA LEU A 323 -9.70 -3.04 -2.61
C LEU A 323 -10.40 -1.69 -2.68
N THR A 324 -9.78 -0.65 -2.12
CA THR A 324 -10.42 0.67 -2.15
C THR A 324 -10.35 1.30 -3.53
N ALA A 325 -9.35 0.94 -4.34
CA ALA A 325 -9.34 1.37 -5.73
C ALA A 325 -10.45 0.68 -6.51
N LYS A 326 -10.72 -0.59 -6.18
CA LYS A 326 -11.85 -1.29 -6.79
C LYS A 326 -13.18 -0.66 -6.37
N ARG A 327 -13.29 -0.26 -5.10
CA ARG A 327 -14.51 0.39 -4.64
C ARG A 327 -14.66 1.78 -5.21
N MET A 328 -13.57 2.54 -5.27
CA MET A 328 -13.64 3.91 -5.77
C MET A 328 -13.78 3.98 -7.28
N ALA A 329 -13.41 2.91 -8.00
CA ALA A 329 -13.65 2.87 -9.44
C ALA A 329 -15.11 2.63 -9.77
N LYS A 330 -15.89 2.10 -8.83
CA LYS A 330 -17.31 1.92 -9.05
C LYS A 330 -18.07 3.24 -9.09
N LYS A 331 -17.44 4.33 -8.66
CA LYS A 331 -18.00 5.67 -8.78
C LYS A 331 -17.46 6.41 -9.99
N ASN A 332 -17.13 5.67 -11.05
CA ASN A 332 -16.60 6.25 -12.29
C ASN A 332 -15.33 7.05 -12.04
N CYS A 333 -14.45 6.51 -11.20
CA CYS A 333 -13.19 7.15 -10.85
C CYS A 333 -12.07 6.13 -11.03
N LEU A 334 -11.54 6.06 -12.25
CA LEU A 334 -10.48 5.10 -12.56
C LEU A 334 -9.15 5.60 -12.02
N VAL A 335 -8.33 4.66 -11.53
CA VAL A 335 -7.04 4.97 -10.92
C VAL A 335 -5.96 4.20 -11.67
N ARG A 336 -4.91 4.91 -12.07
CA ARG A 336 -3.81 4.28 -12.81
C ARG A 336 -2.69 3.79 -11.91
N ASN A 337 -2.41 4.49 -10.82
CA ASN A 337 -1.36 4.11 -9.88
C ASN A 337 -1.98 3.78 -8.53
N LEU A 338 -1.65 2.61 -8.00
CA LEU A 338 -2.31 2.13 -6.78
C LEU A 338 -2.10 3.08 -5.62
N GLU A 339 -0.85 3.50 -5.39
CA GLU A 339 -0.55 4.38 -4.26
C GLU A 339 -1.15 5.77 -4.42
N ALA A 340 -1.63 6.11 -5.61
CA ALA A 340 -2.22 7.42 -5.84
C ALA A 340 -3.66 7.51 -5.35
N VAL A 341 -4.22 6.40 -4.84
CA VAL A 341 -5.57 6.44 -4.30
C VAL A 341 -5.62 7.30 -3.05
N GLU A 342 -4.64 7.15 -2.17
CA GLU A 342 -4.65 7.85 -0.88
C GLU A 342 -4.27 9.32 -1.00
N THR A 343 -3.36 9.68 -1.91
CA THR A 343 -2.77 11.02 -1.87
C THR A 343 -3.75 12.12 -2.21
N LEU A 344 -5.02 11.81 -2.42
CA LEU A 344 -6.07 12.83 -2.44
C LEU A 344 -6.55 13.15 -1.03
N GLY A 345 -6.07 12.42 -0.03
CA GLY A 345 -6.47 12.68 1.35
C GLY A 345 -5.44 13.50 2.11
N SER A 346 -4.17 13.32 1.78
CA SER A 346 -3.10 14.09 2.40
C SER A 346 -2.77 15.36 1.64
N THR A 347 -3.42 15.60 0.51
CA THR A 347 -3.21 16.85 -0.22
C THR A 347 -3.88 18.00 0.50
N SER A 348 -3.29 19.20 0.35
CA SER A 348 -3.79 20.37 1.06
C SER A 348 -4.05 21.53 0.11
N THR A 349 -3.28 21.61 -0.98
CA THR A 349 -3.49 22.63 -2.00
C THR A 349 -3.76 21.93 -3.32
N ILE A 350 -4.88 22.25 -3.94
CA ILE A 350 -5.31 21.58 -5.17
C ILE A 350 -5.40 22.65 -6.26
N CYS A 351 -4.42 22.68 -7.15
CA CYS A 351 -4.52 23.52 -8.34
C CYS A 351 -5.60 22.97 -9.26
N SER A 352 -6.02 23.78 -10.22
CA SER A 352 -7.15 23.43 -11.07
C SER A 352 -6.98 24.09 -12.43
N ASP A 353 -8.00 23.95 -13.27
CA ASP A 353 -8.04 24.57 -14.57
C ASP A 353 -9.46 25.06 -14.82
N LYS A 354 -9.59 26.19 -15.51
CA LYS A 354 -10.91 26.78 -15.69
C LYS A 354 -11.65 26.12 -16.85
N THR A 355 -11.11 26.20 -18.06
CA THR A 355 -11.80 25.72 -19.25
C THR A 355 -11.58 24.21 -19.37
N GLY A 356 -12.64 23.44 -19.12
CA GLY A 356 -12.59 22.01 -19.28
C GLY A 356 -12.72 21.26 -17.96
N THR A 357 -12.20 21.84 -16.89
CA THR A 357 -12.28 21.21 -15.57
C THR A 357 -13.33 21.88 -14.70
N LEU A 358 -13.21 23.18 -14.47
CA LEU A 358 -14.18 23.92 -13.66
C LEU A 358 -15.33 24.49 -14.47
N THR A 359 -15.27 24.39 -15.80
CA THR A 359 -16.32 24.89 -16.67
C THR A 359 -16.63 23.84 -17.74
N GLN A 360 -17.83 23.94 -18.30
CA GLN A 360 -18.30 22.94 -19.26
C GLN A 360 -17.62 23.04 -20.61
N ASN A 361 -16.82 24.08 -20.86
CA ASN A 361 -16.23 24.33 -22.18
C ASN A 361 -17.31 24.45 -23.24
N ARG A 362 -18.42 25.08 -22.87
CA ARG A 362 -19.57 25.23 -23.75
C ARG A 362 -20.06 26.67 -23.60
N MET A 363 -19.61 27.54 -24.50
CA MET A 363 -20.01 28.94 -24.43
C MET A 363 -21.53 29.05 -24.51
N THR A 364 -22.13 29.51 -23.42
CA THR A 364 -23.58 29.56 -23.31
C THR A 364 -24.00 30.90 -22.72
N VAL A 365 -25.22 31.33 -23.05
CA VAL A 365 -25.72 32.61 -22.59
C VAL A 365 -25.98 32.54 -21.09
N ALA A 366 -25.68 33.64 -20.40
CA ALA A 366 -25.91 33.73 -18.95
C ALA A 366 -26.83 34.88 -18.58
N HIS A 367 -26.58 36.07 -19.12
CA HIS A 367 -27.33 37.27 -18.75
C HIS A 367 -27.92 37.92 -19.99
N MET A 368 -29.12 38.47 -19.85
CA MET A 368 -29.87 39.04 -20.96
C MET A 368 -30.28 40.46 -20.62
N TRP A 369 -30.05 41.38 -21.54
CA TRP A 369 -30.48 42.77 -21.37
C TRP A 369 -31.72 43.01 -22.21
N PHE A 370 -32.80 43.44 -21.54
CA PHE A 370 -34.05 43.74 -22.22
C PHE A 370 -34.91 44.56 -21.26
N ASP A 371 -35.52 45.62 -21.77
CA ASP A 371 -36.40 46.49 -20.99
C ASP A 371 -35.70 47.00 -19.72
N GLN A 372 -34.43 47.38 -19.88
CA GLN A 372 -33.63 47.91 -18.78
C GLN A 372 -33.53 46.91 -17.62
N LYS A 373 -33.45 45.63 -17.96
CA LYS A 373 -33.41 44.58 -16.95
C LYS A 373 -32.34 43.56 -17.30
N ILE A 374 -31.69 43.03 -16.27
CA ILE A 374 -30.70 41.96 -16.41
C ILE A 374 -31.13 40.81 -15.53
N VAL A 375 -31.33 39.63 -16.11
CA VAL A 375 -31.65 38.43 -15.37
C VAL A 375 -30.73 37.30 -15.85
N THR A 376 -30.45 36.36 -14.95
CA THR A 376 -29.55 35.27 -15.26
C THR A 376 -30.28 34.16 -16.01
N ALA A 377 -29.61 33.57 -16.99
CA ALA A 377 -30.15 32.46 -17.75
C ALA A 377 -29.57 31.14 -17.26
N ASP A 378 -30.36 30.09 -17.38
CA ASP A 378 -29.93 28.78 -16.92
C ASP A 378 -28.74 28.28 -17.73
N THR A 379 -27.76 27.71 -17.03
CA THR A 379 -26.53 27.24 -17.65
C THR A 379 -26.23 25.78 -17.36
N THR A 380 -27.01 25.12 -16.51
CA THR A 380 -26.73 23.74 -16.15
C THR A 380 -26.90 22.82 -17.35
N GLU A 381 -26.06 21.79 -17.44
CA GLU A 381 -26.15 20.84 -18.53
C GLU A 381 -27.48 20.11 -18.52
N ASN A 382 -27.99 19.77 -17.34
CA ASN A 382 -29.25 19.05 -17.22
C ASN A 382 -30.46 19.97 -17.33
N GLN A 383 -30.24 21.28 -17.43
CA GLN A 383 -31.31 22.26 -17.60
C GLN A 383 -32.30 22.21 -16.43
N SER A 384 -31.78 22.42 -15.23
CA SER A 384 -32.58 22.47 -14.02
C SER A 384 -32.77 23.88 -13.50
N GLY A 385 -32.42 24.90 -14.29
CA GLY A 385 -32.51 26.27 -13.86
C GLY A 385 -33.92 26.83 -13.92
N ASN A 386 -34.04 28.08 -13.47
CA ASN A 386 -35.33 28.75 -13.41
C ASN A 386 -35.58 29.51 -14.71
N GLN A 387 -36.62 29.10 -15.44
CA GLN A 387 -37.04 29.80 -16.65
C GLN A 387 -38.20 30.74 -16.30
N LEU A 388 -37.87 31.77 -15.54
CA LEU A 388 -38.84 32.78 -15.12
C LEU A 388 -38.95 33.95 -16.09
N TYR A 389 -38.06 34.02 -17.08
CA TYR A 389 -38.00 35.15 -18.01
C TYR A 389 -38.84 34.93 -19.27
N ARG A 390 -39.40 33.74 -19.46
CA ARG A 390 -40.15 33.47 -20.68
C ARG A 390 -41.39 34.36 -20.79
N GLY A 391 -41.94 34.79 -19.67
CA GLY A 391 -43.11 35.65 -19.66
C GLY A 391 -42.83 37.12 -19.92
N SER A 392 -41.57 37.50 -20.04
CA SER A 392 -41.23 38.89 -20.30
C SER A 392 -41.69 39.31 -21.70
N LYS A 393 -42.10 40.58 -21.82
CA LYS A 393 -42.61 41.08 -23.08
C LYS A 393 -41.54 41.15 -24.15
N GLY A 394 -40.31 41.49 -23.78
CA GLY A 394 -39.23 41.55 -24.75
C GLY A 394 -38.66 40.21 -25.14
N PHE A 395 -39.08 39.13 -24.47
CA PHE A 395 -38.56 37.80 -24.77
C PHE A 395 -38.88 37.34 -26.19
N PRO A 396 -40.13 37.39 -26.67
CA PRO A 396 -40.41 36.85 -28.01
C PRO A 396 -39.70 37.58 -29.14
N GLU A 397 -39.67 38.92 -29.10
CA GLU A 397 -38.99 39.66 -30.16
C GLU A 397 -37.49 39.39 -30.16
N LEU A 398 -36.88 39.35 -28.98
CA LEU A 398 -35.44 39.14 -28.90
C LEU A 398 -35.05 37.76 -29.41
N ILE A 399 -35.78 36.73 -29.00
CA ILE A 399 -35.47 35.38 -29.47
C ILE A 399 -35.76 35.26 -30.96
N ARG A 400 -36.78 35.97 -31.45
CA ARG A 400 -37.02 36.01 -32.89
C ARG A 400 -35.84 36.64 -33.61
N VAL A 401 -35.32 37.75 -33.08
CA VAL A 401 -34.10 38.33 -33.64
C VAL A 401 -32.93 37.39 -33.42
N ALA A 402 -32.89 36.72 -32.26
CA ALA A 402 -31.80 35.79 -31.98
C ALA A 402 -31.84 34.58 -32.89
N SER A 403 -33.02 34.23 -33.41
CA SER A 403 -33.15 33.06 -34.25
C SER A 403 -33.08 33.38 -35.74
N LEU A 404 -33.60 34.52 -36.17
CA LEU A 404 -33.73 34.85 -37.58
C LEU A 404 -32.52 35.60 -38.14
N CYS A 405 -31.49 35.80 -37.33
CA CYS A 405 -30.34 36.61 -37.69
C CYS A 405 -29.33 35.83 -38.54
N SER A 406 -29.83 35.17 -39.58
CA SER A 406 -29.08 34.37 -40.56
C SER A 406 -28.56 33.08 -39.93
N ARG A 407 -28.58 33.02 -38.60
CA ARG A 407 -28.55 31.80 -37.82
C ARG A 407 -27.39 30.86 -38.14
N ALA A 408 -27.46 29.64 -37.58
CA ALA A 408 -26.61 28.52 -37.92
C ALA A 408 -27.50 27.29 -38.00
N GLU A 409 -26.93 26.09 -38.07
CA GLU A 409 -27.79 24.93 -38.20
C GLU A 409 -27.25 23.79 -37.35
N PHE A 410 -28.15 22.86 -37.00
CA PHE A 410 -27.78 21.64 -36.29
C PHE A 410 -27.23 20.61 -37.27
N LYS A 411 -27.02 19.38 -36.81
CA LYS A 411 -26.59 18.30 -37.68
C LYS A 411 -27.64 17.21 -37.69
N THR A 412 -27.87 16.62 -38.87
CA THR A 412 -28.84 15.54 -38.99
C THR A 412 -28.34 14.28 -38.30
N GLU A 413 -27.06 13.95 -38.48
CA GLU A 413 -26.53 12.71 -37.91
C GLU A 413 -26.42 12.72 -36.40
N HIS A 414 -26.52 13.89 -35.76
CA HIS A 414 -26.62 13.97 -34.30
C HIS A 414 -27.98 14.52 -33.87
N ALA A 415 -29.00 14.41 -34.71
CA ALA A 415 -30.32 14.93 -34.37
C ALA A 415 -30.90 14.22 -33.16
N HIS A 416 -30.68 12.91 -33.05
CA HIS A 416 -31.29 12.12 -31.98
C HIS A 416 -30.75 12.48 -30.60
N LEU A 417 -29.56 13.07 -30.52
CA LEU A 417 -29.03 13.51 -29.23
C LEU A 417 -29.85 14.69 -28.71
N PRO A 418 -29.81 14.93 -27.40
CA PRO A 418 -30.48 16.12 -26.85
C PRO A 418 -29.90 17.40 -27.42
N VAL A 419 -30.66 18.49 -27.24
CA VAL A 419 -30.35 19.74 -27.92
C VAL A 419 -28.97 20.26 -27.51
N LEU A 420 -28.60 20.09 -26.24
CA LEU A 420 -27.29 20.58 -25.80
C LEU A 420 -26.16 19.71 -26.34
N LYS A 421 -26.41 18.42 -26.52
CA LYS A 421 -25.40 17.50 -27.04
C LYS A 421 -25.34 17.51 -28.56
N ARG A 422 -26.20 18.25 -29.23
CA ARG A 422 -26.19 18.28 -30.69
C ARG A 422 -25.07 19.18 -31.20
N ASP A 423 -24.37 18.72 -32.23
CA ASP A 423 -23.30 19.51 -32.82
C ASP A 423 -23.86 20.59 -33.74
N VAL A 424 -23.09 21.65 -33.93
CA VAL A 424 -23.48 22.80 -34.74
C VAL A 424 -22.35 23.14 -35.70
N ASN A 425 -22.68 23.99 -36.67
CA ASN A 425 -21.69 24.61 -37.57
C ASN A 425 -21.77 26.12 -37.40
N GLY A 426 -20.65 26.73 -37.05
CA GLY A 426 -20.59 28.16 -36.86
C GLY A 426 -19.60 28.48 -35.76
N ASP A 427 -19.52 29.76 -35.43
CA ASP A 427 -18.67 30.18 -34.33
C ASP A 427 -19.33 29.83 -32.99
N ALA A 428 -18.55 29.91 -31.92
CA ALA A 428 -19.08 29.62 -30.60
C ALA A 428 -20.22 30.58 -30.23
N SER A 429 -20.09 31.85 -30.59
CA SER A 429 -21.16 32.81 -30.33
C SER A 429 -22.42 32.45 -31.10
N GLU A 430 -22.27 32.03 -32.36
CA GLU A 430 -23.43 31.64 -33.15
C GLU A 430 -24.06 30.36 -32.62
N ALA A 431 -23.23 29.48 -32.04
CA ALA A 431 -23.74 28.26 -31.43
C ALA A 431 -24.56 28.56 -30.17
N ALA A 432 -24.07 29.47 -29.32
CA ALA A 432 -24.74 29.74 -28.04
C ALA A 432 -26.15 30.25 -28.24
N ILE A 433 -26.34 31.21 -29.15
CA ILE A 433 -27.67 31.76 -29.39
C ILE A 433 -28.60 30.70 -29.94
N LEU A 434 -28.09 29.78 -30.76
CA LEU A 434 -28.93 28.79 -31.40
C LEU A 434 -29.46 27.79 -30.38
N LYS A 435 -28.59 27.30 -29.47
CA LYS A 435 -29.09 26.40 -28.44
C LYS A 435 -30.11 27.09 -27.53
N PHE A 436 -29.83 28.34 -27.17
CA PHE A 436 -30.76 29.05 -26.29
C PHE A 436 -32.11 29.24 -26.96
N ALA A 437 -32.12 29.64 -28.23
CA ALA A 437 -33.39 29.76 -28.94
C ALA A 437 -34.08 28.41 -29.07
N GLU A 438 -33.32 27.37 -29.38
CA GLU A 438 -33.88 26.02 -29.47
C GLU A 438 -34.45 25.58 -28.13
N MET A 439 -33.76 25.90 -27.04
CA MET A 439 -34.25 25.52 -25.71
C MET A 439 -35.45 26.35 -25.29
N SER A 440 -35.51 27.62 -25.69
CA SER A 440 -36.58 28.50 -25.22
C SER A 440 -37.89 28.24 -25.97
N THR A 441 -37.86 28.41 -27.30
CA THR A 441 -39.09 28.26 -28.08
C THR A 441 -39.50 26.81 -28.27
N GLY A 442 -38.64 25.87 -27.90
CA GLY A 442 -38.93 24.44 -28.04
C GLY A 442 -38.48 23.85 -29.36
N SER A 443 -38.83 24.49 -30.48
CA SER A 443 -38.40 24.02 -31.79
C SER A 443 -38.42 25.23 -32.73
N VAL A 444 -37.24 25.77 -33.03
CA VAL A 444 -37.18 26.97 -33.86
C VAL A 444 -37.28 26.60 -35.33
N MET A 445 -37.17 25.31 -35.67
CA MET A 445 -37.44 24.86 -37.03
C MET A 445 -38.87 25.26 -37.44
N ASN A 446 -39.80 25.23 -36.48
CA ASN A 446 -41.13 25.77 -36.72
C ASN A 446 -41.05 27.24 -37.14
N ILE A 447 -40.18 28.01 -36.49
CA ILE A 447 -39.98 29.40 -36.91
C ILE A 447 -39.31 29.44 -38.28
N ARG A 448 -38.41 28.51 -38.56
CA ARG A 448 -37.84 28.40 -39.90
C ARG A 448 -38.94 28.16 -40.93
N SER A 449 -39.82 27.20 -40.66
CA SER A 449 -40.89 26.89 -41.60
C SER A 449 -41.86 28.07 -41.76
N LYS A 450 -42.21 28.72 -40.66
CA LYS A 450 -43.13 29.84 -40.71
C LYS A 450 -42.47 31.13 -41.16
N GLN A 451 -41.14 31.17 -41.25
CA GLN A 451 -40.41 32.39 -41.63
C GLN A 451 -39.30 32.00 -42.60
N LYS A 452 -39.57 32.13 -43.90
CA LYS A 452 -38.57 31.81 -44.90
C LYS A 452 -37.50 32.90 -44.97
N LYS A 453 -36.37 32.54 -45.57
CA LYS A 453 -35.23 33.44 -45.73
C LYS A 453 -35.09 33.84 -47.20
N VAL A 454 -34.85 35.13 -47.43
CA VAL A 454 -34.61 35.63 -48.79
C VAL A 454 -33.28 36.35 -48.93
N SER A 455 -32.67 36.85 -47.86
CA SER A 455 -31.39 37.54 -47.98
C SER A 455 -30.57 37.30 -46.72
N GLU A 456 -29.26 37.46 -46.84
CA GLU A 456 -28.37 37.33 -45.70
C GLU A 456 -27.05 38.01 -46.04
N ILE A 457 -26.40 38.54 -45.00
CA ILE A 457 -25.07 39.13 -45.13
C ILE A 457 -24.14 38.46 -44.13
N PRO A 458 -23.02 37.90 -44.59
CA PRO A 458 -22.13 37.18 -43.67
C PRO A 458 -21.32 38.11 -42.78
N PHE A 459 -20.78 37.52 -41.71
CA PHE A 459 -19.86 38.23 -40.82
C PHE A 459 -18.60 38.60 -41.58
N ASN A 460 -18.26 39.90 -41.58
CA ASN A 460 -17.03 40.37 -42.21
C ASN A 460 -15.90 40.41 -41.19
N SER A 461 -14.78 41.05 -41.53
CA SER A 461 -13.64 41.15 -40.64
C SER A 461 -13.49 42.53 -40.03
N ALA A 462 -14.19 43.54 -40.54
CA ALA A 462 -14.16 44.87 -39.93
C ALA A 462 -15.54 45.27 -39.44
N ASN A 463 -16.53 45.21 -40.34
CA ASN A 463 -17.90 45.48 -39.95
C ASN A 463 -18.55 44.31 -39.22
N LYS A 464 -18.19 43.08 -39.60
CA LYS A 464 -18.63 41.84 -38.95
C LYS A 464 -20.08 41.86 -38.49
N TYR A 465 -21.01 42.31 -39.33
CA TYR A 465 -22.41 42.28 -38.98
C TYR A 465 -23.12 41.13 -39.70
N GLN A 466 -24.38 40.94 -39.35
CA GLN A 466 -25.22 39.92 -39.98
C GLN A 466 -26.58 40.55 -40.28
N VAL A 467 -26.78 40.92 -41.54
CA VAL A 467 -28.05 41.45 -42.03
C VAL A 467 -28.74 40.37 -42.84
N SER A 468 -30.03 40.15 -42.54
CA SER A 468 -30.84 39.23 -43.31
C SER A 468 -32.25 39.82 -43.46
N VAL A 469 -32.92 39.39 -44.51
CA VAL A 469 -34.28 39.82 -44.81
C VAL A 469 -35.20 38.62 -44.69
N HIS A 470 -36.30 38.78 -43.97
CA HIS A 470 -37.26 37.70 -43.74
C HIS A 470 -38.64 38.15 -44.17
N GLU A 471 -39.31 37.30 -44.96
CA GLU A 471 -40.66 37.60 -45.41
C GLU A 471 -41.62 37.59 -44.23
N ARG A 472 -42.44 38.63 -44.12
CA ARG A 472 -43.40 38.69 -43.04
C ARG A 472 -44.42 37.57 -43.18
N GLU A 473 -44.92 37.06 -42.06
CA GLU A 473 -45.82 35.92 -42.05
C GLU A 473 -47.10 36.24 -42.80
N ASP A 474 -47.63 37.44 -42.62
CA ASP A 474 -48.79 37.88 -43.37
C ASP A 474 -48.46 38.23 -44.82
N LYS A 475 -47.18 38.18 -45.19
CA LYS A 475 -46.74 38.49 -46.55
C LYS A 475 -47.10 39.92 -46.94
N SER A 476 -46.69 40.87 -46.11
CA SER A 476 -46.98 42.28 -46.32
C SER A 476 -45.73 43.16 -46.40
N GLY A 477 -44.62 42.76 -45.79
CA GLY A 477 -43.42 43.56 -45.82
C GLY A 477 -42.19 42.68 -45.68
N TYR A 478 -41.09 43.31 -45.26
CA TYR A 478 -39.82 42.63 -45.07
C TYR A 478 -39.26 42.95 -43.69
N PHE A 479 -38.71 41.94 -43.03
CA PHE A 479 -38.13 42.09 -41.70
C PHE A 479 -36.61 42.13 -41.78
N LEU A 480 -36.01 43.01 -41.00
CA LEU A 480 -34.57 43.19 -40.96
C LEU A 480 -34.04 42.74 -39.61
N VAL A 481 -33.06 41.84 -39.64
CA VAL A 481 -32.39 41.33 -38.45
C VAL A 481 -30.93 41.72 -38.53
N MET A 482 -30.32 41.98 -37.36
CA MET A 482 -29.06 42.70 -37.30
C MET A 482 -28.46 42.52 -35.91
N LYS A 483 -27.34 41.80 -35.82
CA LYS A 483 -26.61 41.74 -34.56
C LYS A 483 -25.14 42.03 -34.81
N GLY A 484 -24.47 42.54 -33.78
CA GLY A 484 -23.06 42.82 -33.86
C GLY A 484 -22.54 43.28 -32.52
N ALA A 485 -21.32 43.79 -32.55
CA ALA A 485 -20.73 44.36 -31.35
C ALA A 485 -21.56 45.55 -30.88
N PRO A 486 -21.92 45.62 -29.60
CA PRO A 486 -22.86 46.66 -29.14
C PRO A 486 -22.40 48.09 -29.44
N GLU A 487 -21.10 48.37 -29.35
CA GLU A 487 -20.62 49.71 -29.64
C GLU A 487 -20.87 50.08 -31.10
N ARG A 488 -20.69 49.12 -32.01
CA ARG A 488 -20.84 49.40 -33.43
C ARG A 488 -22.29 49.65 -33.82
N ILE A 489 -23.23 48.99 -33.14
CA ILE A 489 -24.65 49.14 -33.46
C ILE A 489 -25.33 50.16 -32.54
N LEU A 490 -24.59 50.74 -31.60
CA LEU A 490 -25.12 51.85 -30.81
C LEU A 490 -25.41 53.05 -31.71
N GLU A 491 -24.49 53.35 -32.62
CA GLU A 491 -24.72 54.44 -33.58
C GLU A 491 -25.71 54.06 -34.65
N ARG A 492 -25.88 52.76 -34.94
CA ARG A 492 -26.79 52.30 -35.98
C ARG A 492 -28.21 52.12 -35.47
N CYS A 493 -28.48 52.46 -34.21
CA CYS A 493 -29.80 52.35 -33.62
C CYS A 493 -30.29 53.72 -33.19
N SER A 494 -31.49 54.10 -33.65
CA SER A 494 -32.10 55.37 -33.26
C SER A 494 -33.24 55.21 -32.26
N THR A 495 -33.82 54.01 -32.14
CA THR A 495 -34.92 53.76 -31.23
C THR A 495 -34.63 52.47 -30.46
N ILE A 496 -35.21 52.38 -29.27
CA ILE A 496 -35.03 51.23 -28.39
C ILE A 496 -36.40 50.69 -28.01
N LEU A 497 -36.57 49.38 -28.12
CA LEU A 497 -37.80 48.72 -27.68
C LEU A 497 -37.82 48.66 -26.16
N ILE A 498 -38.85 49.23 -25.57
CA ILE A 498 -39.03 49.22 -24.11
C ILE A 498 -40.45 48.77 -23.81
N ASP A 499 -40.57 47.63 -23.12
CA ASP A 499 -41.87 47.12 -22.67
C ASP A 499 -42.85 46.96 -23.83
N GLY A 500 -42.33 46.54 -24.99
CA GLY A 500 -43.13 46.40 -26.17
C GLY A 500 -43.40 47.69 -26.92
N THR A 501 -42.85 48.82 -26.46
CA THR A 501 -43.06 50.11 -27.08
C THR A 501 -41.74 50.63 -27.63
N GLU A 502 -41.76 51.04 -28.90
CA GLU A 502 -40.56 51.58 -29.54
C GLU A 502 -40.34 53.01 -29.04
N ILE A 503 -39.24 53.21 -28.31
CA ILE A 503 -38.91 54.49 -27.70
C ILE A 503 -37.66 55.03 -28.40
N PRO A 504 -37.65 56.29 -28.83
CA PRO A 504 -36.44 56.85 -29.44
C PRO A 504 -35.29 56.89 -28.44
N LEU A 505 -34.08 56.74 -28.96
CA LEU A 505 -32.88 56.68 -28.13
C LEU A 505 -32.49 58.09 -27.72
N ASP A 506 -32.54 58.37 -26.41
CA ASP A 506 -32.18 59.67 -25.86
C ASP A 506 -30.87 59.54 -25.09
N ASN A 507 -30.48 60.65 -24.44
CA ASN A 507 -29.25 60.66 -23.67
C ASN A 507 -29.33 59.68 -22.50
N HIS A 508 -30.51 59.54 -21.90
CA HIS A 508 -30.68 58.59 -20.79
C HIS A 508 -30.41 57.15 -21.25
N MET A 509 -30.92 56.78 -22.43
CA MET A 509 -30.72 55.43 -22.93
C MET A 509 -29.26 55.16 -23.24
N LYS A 510 -28.55 56.14 -23.83
CA LYS A 510 -27.14 55.94 -24.13
C LYS A 510 -26.32 55.71 -22.87
N GLU A 511 -26.58 56.50 -21.83
CA GLU A 511 -25.90 56.27 -20.55
C GLU A 511 -26.30 54.93 -19.96
N CYS A 512 -27.58 54.58 -20.05
CA CYS A 512 -28.05 53.27 -19.58
C CYS A 512 -27.44 52.15 -20.41
N PHE A 513 -27.33 52.34 -21.73
CA PHE A 513 -26.73 51.33 -22.59
C PHE A 513 -25.30 51.02 -22.16
N ASN A 514 -24.49 52.07 -21.97
CA ASN A 514 -23.10 51.87 -21.54
C ASN A 514 -23.04 51.27 -20.15
N ASN A 515 -23.93 51.69 -19.26
CA ASN A 515 -23.94 51.18 -17.90
C ASN A 515 -24.14 49.67 -17.88
N ALA A 516 -25.17 49.19 -18.59
CA ALA A 516 -25.38 47.75 -18.70
C ALA A 516 -24.26 47.10 -19.50
N TYR A 517 -23.81 47.75 -20.58
CA TYR A 517 -22.74 47.19 -21.40
C TYR A 517 -21.47 46.98 -20.60
N MET A 518 -21.04 48.00 -19.85
CA MET A 518 -19.83 47.85 -19.05
C MET A 518 -20.06 46.93 -17.87
N GLU A 519 -21.29 46.92 -17.34
CA GLU A 519 -21.62 45.95 -16.28
C GLU A 519 -21.53 44.53 -16.82
N LEU A 520 -22.05 44.30 -18.02
CA LEU A 520 -22.01 42.97 -18.62
C LEU A 520 -20.57 42.52 -18.84
N GLY A 521 -19.72 43.42 -19.35
CA GLY A 521 -18.31 43.09 -19.47
C GLY A 521 -17.62 43.02 -18.12
N GLY A 522 -18.28 43.50 -17.07
CA GLY A 522 -17.71 43.44 -15.75
C GLY A 522 -17.44 42.01 -15.30
N MET A 523 -18.39 41.11 -15.55
CA MET A 523 -18.19 39.69 -15.28
C MET A 523 -17.54 38.96 -16.45
N GLY A 524 -16.81 39.66 -17.31
CA GLY A 524 -16.07 39.02 -18.38
C GLY A 524 -16.91 38.33 -19.43
N GLU A 525 -18.22 38.48 -19.38
CA GLU A 525 -19.12 37.79 -20.32
C GLU A 525 -19.09 38.51 -21.65
N ARG A 526 -18.57 37.85 -22.69
CA ARG A 526 -18.59 38.42 -24.02
C ARG A 526 -20.02 38.65 -24.46
N VAL A 527 -20.28 39.81 -25.07
CA VAL A 527 -21.63 40.25 -25.38
C VAL A 527 -21.70 40.67 -26.84
N LEU A 528 -22.93 40.70 -27.35
CA LEU A 528 -23.23 41.20 -28.69
C LEU A 528 -24.65 41.73 -28.70
N GLY A 529 -24.84 42.88 -29.34
CA GLY A 529 -26.14 43.52 -29.34
C GLY A 529 -27.05 43.00 -30.43
N PHE A 530 -28.36 43.20 -30.23
CA PHE A 530 -29.38 42.73 -31.15
C PHE A 530 -30.34 43.86 -31.47
N CYS A 531 -30.68 44.00 -32.74
CA CYS A 531 -31.57 45.07 -33.19
C CYS A 531 -32.28 44.62 -34.45
N ASP A 532 -33.41 45.26 -34.74
CA ASP A 532 -34.24 44.94 -35.88
C ASP A 532 -34.81 46.21 -36.47
N PHE A 533 -35.49 46.06 -37.61
CA PHE A 533 -36.14 47.17 -38.29
C PHE A 533 -37.20 46.61 -39.23
N GLU A 534 -38.31 47.34 -39.36
CA GLU A 534 -39.42 46.95 -40.20
C GLU A 534 -39.40 47.76 -41.49
N LEU A 535 -39.17 47.08 -42.60
CA LEU A 535 -39.13 47.77 -43.88
C LEU A 535 -40.53 48.18 -44.31
N PRO A 536 -40.74 49.41 -44.78
CA PRO A 536 -42.07 49.83 -45.21
C PRO A 536 -42.56 49.01 -46.39
N SER A 537 -43.87 48.76 -46.41
CA SER A 537 -44.46 47.96 -47.48
C SER A 537 -44.54 48.77 -48.79
N ASP A 538 -44.85 50.06 -48.70
CA ASP A 538 -44.98 50.87 -49.91
C ASP A 538 -43.65 50.98 -50.65
N GLN A 539 -42.56 51.26 -49.92
CA GLN A 539 -41.26 51.39 -50.57
C GLN A 539 -40.66 50.04 -50.91
N TYR A 540 -41.00 49.00 -50.16
CA TYR A 540 -40.47 47.64 -50.38
C TYR A 540 -41.65 46.68 -50.46
N PRO A 541 -42.36 46.66 -51.58
CA PRO A 541 -43.50 45.75 -51.74
C PRO A 541 -43.03 44.34 -52.07
N ARG A 542 -44.00 43.46 -52.32
CA ARG A 542 -43.70 42.09 -52.67
C ARG A 542 -42.87 42.02 -53.95
N GLY A 543 -41.86 41.16 -53.95
CA GLY A 543 -40.98 41.04 -55.09
C GLY A 543 -39.84 42.03 -55.13
N TYR A 544 -39.66 42.83 -54.08
CA TYR A 544 -38.55 43.78 -54.05
C TYR A 544 -37.22 43.04 -54.07
N VAL A 545 -36.28 43.55 -54.87
CA VAL A 545 -34.98 42.94 -55.05
C VAL A 545 -33.97 43.66 -54.19
N PHE A 546 -33.21 42.91 -53.40
CA PHE A 546 -32.23 43.46 -52.47
C PHE A 546 -30.82 43.17 -52.97
N ASP A 547 -29.98 44.20 -52.98
CA ASP A 547 -28.59 44.08 -53.41
C ASP A 547 -27.70 43.97 -52.18
N ALA A 548 -26.89 42.91 -52.13
CA ALA A 548 -26.01 42.69 -50.98
C ALA A 548 -24.74 43.52 -51.07
N ASP A 549 -24.13 43.59 -52.25
CA ASP A 549 -22.90 44.37 -52.40
C ASP A 549 -23.15 45.85 -52.12
N GLU A 550 -24.22 46.40 -52.68
CA GLU A 550 -24.63 47.77 -52.39
C GLU A 550 -26.00 47.73 -51.73
N PRO A 551 -26.08 47.87 -50.41
CA PRO A 551 -27.38 47.74 -49.73
C PRO A 551 -28.38 48.78 -50.22
N ASN A 552 -29.63 48.34 -50.41
CA ASN A 552 -30.74 49.21 -50.78
C ASN A 552 -31.76 49.34 -49.65
N PHE A 553 -31.35 49.07 -48.42
CA PHE A 553 -32.18 49.12 -47.22
C PHE A 553 -31.48 49.95 -46.16
N PRO A 554 -32.23 50.53 -45.23
CA PRO A 554 -31.60 51.30 -44.15
C PRO A 554 -30.64 50.42 -43.34
N ILE A 555 -29.51 51.01 -42.97
CA ILE A 555 -28.46 50.27 -42.27
C ILE A 555 -28.27 50.86 -40.88
N SER A 556 -28.52 52.16 -40.74
CA SER A 556 -28.34 52.88 -39.49
C SER A 556 -29.69 53.35 -38.95
N GLY A 557 -29.66 53.83 -37.71
CA GLY A 557 -30.87 54.29 -37.06
C GLY A 557 -31.91 53.19 -36.88
N LEU A 558 -31.47 51.98 -36.56
CA LEU A 558 -32.37 50.85 -36.42
C LEU A 558 -33.07 50.88 -35.06
N ARG A 559 -33.89 49.87 -34.80
CA ARG A 559 -34.59 49.73 -33.54
C ARG A 559 -33.80 48.78 -32.63
N PHE A 560 -33.15 49.33 -31.62
CA PHE A 560 -32.40 48.52 -30.67
C PHE A 560 -33.35 47.62 -29.88
N VAL A 561 -32.92 46.39 -29.63
CA VAL A 561 -33.70 45.41 -28.89
C VAL A 561 -33.06 45.11 -27.53
N GLY A 562 -31.83 44.63 -27.53
CA GLY A 562 -31.17 44.32 -26.27
C GLY A 562 -29.79 43.74 -26.50
N LEU A 563 -29.18 43.30 -25.40
CA LEU A 563 -27.83 42.74 -25.40
C LEU A 563 -27.86 41.29 -24.95
N MET A 564 -27.19 40.42 -25.69
CA MET A 564 -27.00 39.03 -25.32
C MET A 564 -25.61 38.88 -24.73
N SER A 565 -25.47 38.01 -23.73
CA SER A 565 -24.19 37.76 -23.11
C SER A 565 -23.83 36.28 -23.24
N MET A 566 -22.54 35.99 -23.24
CA MET A 566 -22.04 34.63 -23.34
C MET A 566 -20.82 34.46 -22.44
N ILE A 567 -20.82 33.39 -21.66
CA ILE A 567 -19.70 33.08 -20.77
C ILE A 567 -19.67 31.57 -20.58
N ASP A 568 -18.46 31.02 -20.48
CA ASP A 568 -18.28 29.60 -20.24
C ASP A 568 -18.67 29.28 -18.79
N PRO A 569 -19.79 28.61 -18.54
CA PRO A 569 -20.27 28.47 -17.18
C PRO A 569 -19.72 27.23 -16.51
N PRO A 570 -19.74 27.18 -15.18
CA PRO A 570 -19.31 25.95 -14.49
C PRO A 570 -20.30 24.82 -14.68
N ARG A 571 -19.88 23.64 -14.26
CA ARG A 571 -20.76 22.47 -14.29
C ARG A 571 -21.68 22.52 -13.07
N ALA A 572 -22.55 21.53 -12.93
CA ALA A 572 -23.47 21.51 -11.80
C ALA A 572 -22.74 21.12 -10.51
N ALA A 573 -21.84 20.14 -10.59
CA ALA A 573 -21.20 19.61 -9.39
C ALA A 573 -20.15 20.57 -8.86
N VAL A 574 -19.59 21.41 -9.73
CA VAL A 574 -18.43 22.23 -9.39
C VAL A 574 -18.67 23.15 -8.20
N PRO A 575 -19.75 23.94 -8.16
CA PRO A 575 -19.90 24.88 -7.02
C PRO A 575 -19.95 24.19 -5.67
N ASP A 576 -20.50 22.97 -5.60
CA ASP A 576 -20.51 22.23 -4.35
C ASP A 576 -19.13 21.68 -4.02
N ALA A 577 -18.43 21.16 -5.04
CA ALA A 577 -17.14 20.51 -4.80
C ALA A 577 -16.12 21.50 -4.25
N VAL A 578 -16.00 22.67 -4.87
CA VAL A 578 -15.04 23.66 -4.39
C VAL A 578 -15.42 24.17 -3.00
N SER A 579 -16.71 24.12 -2.67
CA SER A 579 -17.12 24.54 -1.33
C SER A 579 -16.76 23.50 -0.28
N LYS A 580 -16.92 22.21 -0.60
CA LYS A 580 -16.59 21.16 0.36
C LYS A 580 -15.09 20.95 0.46
N CYS A 581 -14.37 21.08 -0.66
CA CYS A 581 -12.92 20.92 -0.62
C CYS A 581 -12.29 21.98 0.28
N ARG A 582 -12.76 23.23 0.18
CA ARG A 582 -12.25 24.28 1.05
C ARG A 582 -12.72 24.10 2.49
N SER A 583 -13.76 23.28 2.71
CA SER A 583 -14.22 22.98 4.06
C SER A 583 -13.43 21.86 4.73
N ALA A 584 -12.80 21.00 3.94
CA ALA A 584 -12.00 19.90 4.47
C ALA A 584 -10.55 20.29 4.68
N GLY A 585 -10.25 21.58 4.76
CA GLY A 585 -8.90 22.07 4.94
C GLY A 585 -8.11 22.23 3.67
N ILE A 586 -8.62 21.76 2.54
CA ILE A 586 -7.90 21.80 1.27
C ILE A 586 -8.15 23.16 0.61
N LYS A 587 -7.12 23.99 0.54
CA LYS A 587 -7.22 25.23 -0.21
C LYS A 587 -7.21 24.93 -1.71
N VAL A 588 -7.92 25.76 -2.47
CA VAL A 588 -8.04 25.59 -3.92
C VAL A 588 -7.51 26.85 -4.59
N ILE A 589 -6.69 26.66 -5.63
CA ILE A 589 -6.09 27.75 -6.38
C ILE A 589 -6.41 27.55 -7.85
N MET A 590 -7.00 28.57 -8.47
CA MET A 590 -7.17 28.54 -9.91
C MET A 590 -5.83 28.73 -10.60
N VAL A 591 -5.55 27.87 -11.58
CA VAL A 591 -4.37 28.00 -12.43
C VAL A 591 -4.86 27.83 -13.86
N THR A 592 -5.19 28.94 -14.52
CA THR A 592 -5.74 28.91 -15.86
C THR A 592 -4.77 29.57 -16.83
N GLY A 593 -5.21 29.68 -18.08
CA GLY A 593 -4.41 30.33 -19.10
C GLY A 593 -5.19 31.42 -19.80
N ASP A 594 -6.35 31.76 -19.26
CA ASP A 594 -7.22 32.76 -19.85
C ASP A 594 -6.95 34.14 -19.24
N HIS A 595 -7.67 35.13 -19.73
CA HIS A 595 -7.50 36.50 -19.26
C HIS A 595 -8.01 36.63 -17.83
N PRO A 596 -7.41 37.52 -17.03
CA PRO A 596 -7.80 37.62 -15.62
C PRO A 596 -9.25 37.98 -15.40
N ILE A 597 -9.84 38.79 -16.29
CA ILE A 597 -11.23 39.21 -16.09
C ILE A 597 -12.17 38.02 -16.16
N THR A 598 -11.95 37.13 -17.13
CA THR A 598 -12.77 35.92 -17.23
C THR A 598 -12.46 34.96 -16.08
N ALA A 599 -11.18 34.84 -15.72
CA ALA A 599 -10.81 33.97 -14.60
C ALA A 599 -11.42 34.46 -13.30
N LYS A 600 -11.34 35.76 -13.04
CA LYS A 600 -11.92 36.31 -11.82
C LYS A 600 -13.43 36.10 -11.77
N ALA A 601 -14.08 36.18 -12.94
CA ALA A 601 -15.53 35.99 -12.98
C ALA A 601 -15.91 34.56 -12.63
N ILE A 602 -15.20 33.58 -13.20
CA ILE A 602 -15.50 32.19 -12.91
C ILE A 602 -15.06 31.82 -11.50
N ALA A 603 -13.90 32.31 -11.09
CA ALA A 603 -13.40 31.97 -9.75
C ALA A 603 -14.36 32.43 -8.67
N ARG A 604 -14.90 33.63 -8.80
CA ARG A 604 -15.92 34.09 -7.85
C ARG A 604 -17.19 33.25 -7.96
N GLN A 605 -17.55 32.86 -9.19
CA GLN A 605 -18.79 32.12 -9.41
C GLN A 605 -18.72 30.73 -8.78
N VAL A 606 -17.63 30.01 -9.02
CA VAL A 606 -17.55 28.62 -8.56
C VAL A 606 -17.43 28.56 -7.03
N GLY A 607 -16.77 29.55 -6.42
CA GLY A 607 -16.63 29.56 -4.98
C GLY A 607 -15.19 29.61 -4.52
N ILE A 608 -14.25 29.74 -5.46
CA ILE A 608 -12.84 29.85 -5.09
C ILE A 608 -12.60 31.15 -4.33
N ILE A 609 -13.12 32.27 -4.85
CA ILE A 609 -13.05 33.56 -4.19
C ILE A 609 -14.36 33.78 -3.46
N SER A 610 -14.31 33.87 -2.14
CA SER A 610 -15.52 34.02 -1.35
C SER A 610 -16.15 35.39 -1.60
N GLU A 611 -17.48 35.42 -1.54
CA GLU A 611 -18.20 36.67 -1.71
C GLU A 611 -17.83 37.65 -0.61
N GLY A 612 -17.64 38.91 -0.99
CA GLY A 612 -17.22 39.94 -0.07
C GLY A 612 -15.72 40.03 0.15
N HIS A 613 -14.93 39.22 -0.57
CA HIS A 613 -13.48 39.28 -0.48
C HIS A 613 -12.93 39.95 -1.73
N GLU A 614 -12.17 41.03 -1.53
CA GLU A 614 -11.72 41.88 -2.61
C GLU A 614 -10.19 41.84 -2.69
N THR A 615 -9.68 41.88 -3.92
CA THR A 615 -8.25 41.92 -4.15
C THR A 615 -7.74 43.36 -4.04
N VAL A 616 -6.44 43.53 -4.29
CA VAL A 616 -5.85 44.87 -4.22
C VAL A 616 -6.48 45.80 -5.24
N ASP A 617 -6.65 45.34 -6.47
CA ASP A 617 -7.23 46.17 -7.51
C ASP A 617 -8.66 46.58 -7.15
N ASP A 618 -9.45 45.63 -6.64
CA ASP A 618 -10.82 45.95 -6.24
C ASP A 618 -10.84 46.94 -5.10
N ILE A 619 -10.01 46.69 -4.07
CA ILE A 619 -10.01 47.58 -2.87
C ILE A 619 -9.55 48.98 -3.31
N ALA A 620 -8.42 49.05 -4.01
CA ALA A 620 -7.90 50.35 -4.48
C ALA A 620 -8.96 51.03 -5.35
N ALA A 621 -9.65 50.25 -6.18
CA ALA A 621 -10.71 50.82 -7.05
C ALA A 621 -11.76 51.49 -6.17
N ARG A 622 -12.20 50.81 -5.10
CA ARG A 622 -13.24 51.37 -4.21
C ARG A 622 -12.71 52.63 -3.53
N LEU A 623 -11.44 52.62 -3.11
CA LEU A 623 -10.84 53.78 -2.39
C LEU A 623 -10.42 54.85 -3.41
N ASN A 624 -10.41 54.51 -4.70
CA ASN A 624 -9.93 55.47 -5.73
C ASN A 624 -8.54 55.94 -5.35
N ILE A 625 -7.68 55.04 -4.88
CA ILE A 625 -6.31 55.42 -4.42
C ILE A 625 -5.30 54.56 -5.18
N PRO A 626 -3.97 54.86 -5.10
CA PRO A 626 -2.97 54.01 -5.74
C PRO A 626 -3.02 52.59 -5.15
N VAL A 627 -3.22 51.59 -6.01
CA VAL A 627 -3.28 50.18 -5.54
C VAL A 627 -1.99 49.88 -4.78
N SER A 628 -0.89 50.52 -5.19
CA SER A 628 0.42 50.29 -4.55
C SER A 628 0.34 50.61 -3.05
N GLU A 629 -0.25 51.75 -2.70
CA GLU A 629 -0.29 52.15 -1.27
C GLU A 629 -1.22 51.20 -0.51
N VAL A 630 -2.22 50.62 -1.20
CA VAL A 630 -3.19 49.71 -0.54
C VAL A 630 -2.41 48.56 0.10
N ASN A 631 -2.61 48.32 1.40
CA ASN A 631 -1.86 47.25 2.11
C ASN A 631 -2.24 45.89 1.53
N PRO A 632 -1.26 45.02 1.20
CA PRO A 632 -1.56 43.72 0.62
C PRO A 632 -2.44 42.94 1.61
N ARG A 633 -2.12 43.01 2.89
CA ARG A 633 -2.91 42.28 3.92
C ARG A 633 -4.39 42.59 3.70
N SER A 634 -4.73 43.86 3.51
CA SER A 634 -6.13 44.25 3.35
C SER A 634 -6.85 43.34 2.36
N ALA A 635 -6.19 43.03 1.24
CA ALA A 635 -6.78 42.17 0.23
C ALA A 635 -6.66 40.71 0.64
N GLN A 636 -7.58 39.90 0.10
CA GLN A 636 -7.62 38.47 0.40
C GLN A 636 -7.37 37.60 -0.81
N ALA A 637 -8.04 37.86 -1.93
CA ALA A 637 -7.84 37.07 -3.13
C ALA A 637 -6.69 37.66 -3.97
N ALA A 638 -6.41 37.02 -5.10
CA ALA A 638 -5.35 37.48 -5.98
C ALA A 638 -5.66 37.05 -7.41
N VAL A 639 -5.35 37.94 -8.35
CA VAL A 639 -5.60 37.70 -9.76
C VAL A 639 -4.29 37.81 -10.53
N ILE A 640 -3.20 37.37 -9.90
CA ILE A 640 -1.86 37.51 -10.47
C ILE A 640 -1.84 37.04 -11.92
N HIS A 641 -1.32 37.91 -12.79
CA HIS A 641 -1.25 37.67 -14.23
C HIS A 641 0.08 36.99 -14.56
N GLY A 642 0.09 36.30 -15.70
CA GLY A 642 1.29 35.56 -16.09
C GLY A 642 2.50 36.44 -16.26
N ASN A 643 2.32 37.65 -16.78
CA ASN A 643 3.44 38.57 -16.94
C ASN A 643 4.04 38.93 -15.59
N ASP A 644 3.20 39.22 -14.59
CA ASP A 644 3.70 39.47 -13.24
C ASP A 644 4.37 38.23 -12.66
N LEU A 645 3.80 37.05 -12.94
CA LEU A 645 4.40 35.81 -12.44
C LEU A 645 5.74 35.52 -13.09
N LYS A 646 5.96 36.04 -14.30
CA LYS A 646 7.18 35.72 -15.03
C LYS A 646 8.40 36.38 -14.40
N ASP A 647 8.29 37.64 -14.00
CA ASP A 647 9.45 38.41 -13.56
C ASP A 647 9.61 38.46 -12.04
N MET A 648 8.81 37.70 -11.28
CA MET A 648 9.01 37.57 -9.85
C MET A 648 9.70 36.24 -9.55
N ASN A 649 10.60 36.25 -8.58
CA ASN A 649 11.38 35.07 -8.26
C ASN A 649 10.65 34.23 -7.21
N SER A 650 11.34 33.23 -6.66
CA SER A 650 10.70 32.33 -5.71
C SER A 650 10.42 33.01 -4.38
N ASP A 651 11.11 34.12 -4.08
CA ASP A 651 10.93 34.78 -2.80
C ASP A 651 9.53 35.38 -2.67
N GLN A 652 9.15 36.25 -3.62
CA GLN A 652 7.81 36.81 -3.58
C GLN A 652 6.75 35.76 -3.85
N LEU A 653 7.05 34.78 -4.71
CA LEU A 653 6.07 33.76 -5.06
C LEU A 653 5.62 32.99 -3.82
N ASP A 654 6.56 32.62 -2.96
CA ASP A 654 6.18 31.96 -1.71
C ASP A 654 5.43 32.90 -0.77
N ASP A 655 5.71 34.20 -0.86
CA ASP A 655 5.01 35.15 0.01
C ASP A 655 3.53 35.24 -0.35
N ILE A 656 3.22 35.43 -1.63
CA ILE A 656 1.82 35.50 -2.06
C ILE A 656 1.11 34.17 -1.90
N LEU A 657 1.84 33.05 -1.91
CA LEU A 657 1.23 31.76 -1.67
C LEU A 657 0.89 31.57 -0.19
N ARG A 658 1.60 32.28 0.70
CA ARG A 658 1.34 32.20 2.13
C ARG A 658 0.45 33.34 2.62
N HIS A 659 0.66 34.55 2.09
CA HIS A 659 -0.09 35.71 2.55
C HIS A 659 -1.58 35.56 2.30
N TYR A 660 -1.95 35.24 1.06
CA TYR A 660 -3.34 35.07 0.70
C TYR A 660 -3.75 33.60 0.84
N ARG A 661 -5.01 33.31 0.54
CA ARG A 661 -5.51 31.94 0.60
C ARG A 661 -6.41 31.57 -0.56
N GLU A 662 -6.73 32.49 -1.47
CA GLU A 662 -7.68 32.24 -2.55
C GLU A 662 -7.12 32.77 -3.87
N ILE A 663 -5.86 32.44 -4.16
CA ILE A 663 -5.17 33.06 -5.29
C ILE A 663 -5.70 32.48 -6.60
N VAL A 664 -5.84 33.34 -7.61
CA VAL A 664 -6.33 32.94 -8.93
C VAL A 664 -5.27 33.37 -9.94
N PHE A 665 -4.53 32.39 -10.48
CA PHE A 665 -3.48 32.66 -11.44
C PHE A 665 -4.05 32.58 -12.86
N ALA A 666 -3.89 33.66 -13.62
CA ALA A 666 -4.48 33.76 -14.95
C ALA A 666 -3.39 34.07 -15.98
N ARG A 667 -3.69 33.73 -17.22
CA ARG A 667 -2.78 33.93 -18.36
C ARG A 667 -1.42 33.30 -18.09
N THR A 668 -1.44 32.02 -17.74
CA THR A 668 -0.24 31.28 -17.39
C THR A 668 0.12 30.31 -18.51
N SER A 669 1.37 30.39 -18.97
CA SER A 669 1.87 29.46 -19.96
C SER A 669 2.02 28.08 -19.33
N PRO A 670 2.04 27.02 -20.16
CA PRO A 670 2.16 25.67 -19.60
C PRO A 670 3.40 25.48 -18.74
N GLN A 671 4.50 26.16 -19.05
CA GLN A 671 5.68 26.07 -18.21
C GLN A 671 5.53 26.85 -16.91
N GLN A 672 4.57 27.77 -16.84
CA GLN A 672 4.35 28.52 -15.61
C GLN A 672 3.53 27.74 -14.60
N LYS A 673 2.72 26.79 -15.07
CA LYS A 673 2.02 25.92 -14.14
C LYS A 673 2.99 25.05 -13.35
N LEU A 674 4.08 24.63 -13.99
CA LEU A 674 5.13 23.92 -13.28
C LEU A 674 5.77 24.79 -12.21
N ILE A 675 5.99 26.07 -12.53
CA ILE A 675 6.54 26.99 -11.54
C ILE A 675 5.59 27.12 -10.36
N ILE A 676 4.28 27.15 -10.64
CA ILE A 676 3.30 27.28 -9.57
C ILE A 676 3.32 26.04 -8.68
N VAL A 677 3.27 24.86 -9.28
CA VAL A 677 3.24 23.62 -8.51
C VAL A 677 4.53 23.46 -7.73
N GLU A 678 5.67 23.73 -8.36
CA GLU A 678 6.94 23.70 -7.64
C GLU A 678 6.97 24.80 -6.58
N GLY A 679 6.29 25.92 -6.83
CA GLY A 679 6.21 26.96 -5.83
C GLY A 679 5.40 26.54 -4.61
N VAL A 680 4.26 25.89 -4.84
CA VAL A 680 3.44 25.43 -3.71
C VAL A 680 4.17 24.33 -2.94
N GLN A 681 4.82 23.42 -3.65
CA GLN A 681 5.52 22.32 -2.98
C GLN A 681 6.69 22.81 -2.13
N ARG A 682 7.12 24.05 -2.32
CA ARG A 682 8.20 24.59 -1.48
C ARG A 682 7.76 24.69 -0.02
N GLN A 683 6.48 24.95 0.23
CA GLN A 683 5.97 25.05 1.58
C GLN A 683 5.91 23.71 2.30
N GLY A 684 6.12 22.60 1.59
CA GLY A 684 6.03 21.29 2.17
C GLY A 684 4.69 20.61 1.98
N GLU A 685 3.79 21.19 1.19
CA GLU A 685 2.48 20.62 0.95
C GLU A 685 2.54 19.62 -0.21
N PHE A 686 1.48 18.81 -0.31
CA PHE A 686 1.33 17.88 -1.42
C PHE A 686 0.23 18.40 -2.35
N VAL A 687 0.62 18.85 -3.52
CA VAL A 687 -0.27 19.52 -4.45
C VAL A 687 -1.01 18.48 -5.28
N ALA A 688 -2.22 18.83 -5.70
CA ALA A 688 -3.00 18.06 -6.65
C ALA A 688 -3.40 18.97 -7.79
N VAL A 689 -3.33 18.46 -9.03
CA VAL A 689 -3.68 19.24 -10.20
C VAL A 689 -4.79 18.52 -10.96
N THR A 690 -5.83 19.26 -11.30
CA THR A 690 -6.94 18.74 -12.09
C THR A 690 -6.99 19.51 -13.40
N GLY A 691 -6.86 18.80 -14.51
CA GLY A 691 -6.83 19.44 -15.82
C GLY A 691 -7.39 18.59 -16.93
N ASP A 692 -7.41 19.14 -18.15
CA ASP A 692 -8.02 18.45 -19.27
C ASP A 692 -7.11 18.40 -20.49
N GLY A 693 -6.19 19.36 -20.60
CA GLY A 693 -5.51 19.64 -21.85
C GLY A 693 -4.03 19.34 -21.84
N VAL A 694 -3.44 19.48 -23.03
CA VAL A 694 -2.02 19.23 -23.23
C VAL A 694 -1.17 20.22 -22.44
N ASN A 695 -1.69 21.43 -22.22
CA ASN A 695 -0.92 22.47 -21.55
C ASN A 695 -0.58 22.08 -20.11
N ASP A 696 -1.53 21.48 -19.40
CA ASP A 696 -1.34 21.15 -18.00
C ASP A 696 -0.70 19.79 -17.79
N SER A 697 -0.25 19.13 -18.86
CA SER A 697 0.46 17.86 -18.70
C SER A 697 1.67 17.97 -17.78
N PRO A 698 2.51 19.01 -17.86
CA PRO A 698 3.59 19.13 -16.85
C PRO A 698 3.08 19.18 -15.43
N ALA A 699 1.98 19.88 -15.18
CA ALA A 699 1.46 19.98 -13.81
C ALA A 699 0.94 18.63 -13.32
N LEU A 700 0.28 17.87 -14.22
CA LEU A 700 -0.22 16.56 -13.84
C LEU A 700 0.91 15.61 -13.46
N LYS A 701 2.02 15.67 -14.19
CA LYS A 701 3.16 14.81 -13.91
C LYS A 701 3.97 15.25 -12.71
N LYS A 702 3.97 16.56 -12.39
CA LYS A 702 4.76 17.07 -11.27
C LYS A 702 4.02 17.01 -9.96
N ALA A 703 2.69 17.14 -9.98
CA ALA A 703 1.92 17.09 -8.74
C ALA A 703 1.98 15.69 -8.14
N ASP A 704 1.74 15.62 -6.83
CA ASP A 704 1.74 14.34 -6.14
C ASP A 704 0.62 13.44 -6.66
N ILE A 705 -0.53 14.02 -6.98
CA ILE A 705 -1.63 13.30 -7.60
C ILE A 705 -2.19 14.15 -8.73
N GLY A 706 -2.26 13.58 -9.92
CA GLY A 706 -2.81 14.29 -11.07
C GLY A 706 -4.13 13.72 -11.52
N VAL A 707 -5.22 14.46 -11.32
CA VAL A 707 -6.55 14.03 -11.69
C VAL A 707 -6.92 14.67 -13.02
N ALA A 708 -7.48 13.89 -13.92
CA ALA A 708 -7.83 14.36 -15.25
C ALA A 708 -9.34 14.24 -15.46
N MET A 709 -9.77 14.50 -16.69
CA MET A 709 -11.18 14.42 -17.08
C MET A 709 -11.35 13.28 -18.07
N GLY A 710 -12.44 12.52 -17.91
CA GLY A 710 -12.61 11.30 -18.66
C GLY A 710 -13.29 11.44 -20.01
N ILE A 711 -14.00 12.54 -20.24
CA ILE A 711 -14.70 12.80 -21.49
C ILE A 711 -14.21 14.08 -22.15
N ALA A 712 -14.14 15.17 -21.38
CA ALA A 712 -13.66 16.45 -21.88
C ALA A 712 -12.15 16.61 -21.74
N GLY A 713 -11.41 15.51 -21.62
CA GLY A 713 -9.97 15.54 -21.45
C GLY A 713 -9.26 15.03 -22.68
N SER A 714 -8.08 15.60 -22.95
CA SER A 714 -7.28 15.20 -24.09
C SER A 714 -6.60 13.86 -23.83
N ASP A 715 -6.04 13.30 -24.90
CA ASP A 715 -5.38 11.99 -24.80
C ASP A 715 -4.18 12.04 -23.88
N VAL A 716 -3.35 13.07 -24.02
CA VAL A 716 -2.14 13.18 -23.21
C VAL A 716 -2.49 13.44 -21.74
N SER A 717 -3.54 14.23 -21.50
CA SER A 717 -3.93 14.53 -20.13
C SER A 717 -4.36 13.27 -19.39
N LYS A 718 -5.02 12.35 -20.09
CA LYS A 718 -5.35 11.07 -19.48
C LYS A 718 -4.10 10.25 -19.20
N GLN A 719 -3.20 10.13 -20.19
CA GLN A 719 -2.04 9.27 -20.06
C GLN A 719 -0.95 9.84 -19.16
N ALA A 720 -1.05 11.12 -18.78
CA ALA A 720 -0.10 11.74 -17.87
C ALA A 720 -0.73 12.01 -16.51
N ALA A 721 -1.75 11.25 -16.13
CA ALA A 721 -2.48 11.48 -14.89
C ALA A 721 -2.52 10.18 -14.08
N ASP A 722 -2.58 10.33 -12.76
CA ASP A 722 -2.68 9.20 -11.85
C ASP A 722 -4.13 8.86 -11.51
N MET A 723 -5.09 9.58 -12.07
CA MET A 723 -6.50 9.32 -11.81
C MET A 723 -7.32 9.91 -12.95
N ILE A 724 -8.42 9.23 -13.28
CA ILE A 724 -9.31 9.63 -14.36
C ILE A 724 -10.72 9.70 -13.81
N LEU A 725 -11.40 10.81 -14.09
CA LEU A 725 -12.81 10.98 -13.73
C LEU A 725 -13.62 10.66 -14.98
N LEU A 726 -14.00 9.39 -15.12
CA LEU A 726 -14.69 8.96 -16.33
C LEU A 726 -16.04 9.64 -16.50
N ASP A 727 -16.66 10.07 -15.40
CA ASP A 727 -17.96 10.72 -15.45
C ASP A 727 -17.86 12.24 -15.50
N ASP A 728 -16.66 12.80 -15.39
CA ASP A 728 -16.39 14.23 -15.42
C ASP A 728 -16.99 14.97 -14.23
N ASN A 729 -17.62 14.27 -13.30
CA ASN A 729 -18.23 14.89 -12.13
C ASN A 729 -17.13 15.34 -11.18
N PHE A 730 -16.93 16.65 -11.09
CA PHE A 730 -15.91 17.19 -10.19
C PHE A 730 -16.21 16.88 -8.73
N ALA A 731 -17.46 16.51 -8.41
CA ALA A 731 -17.79 16.13 -7.04
C ALA A 731 -17.11 14.84 -6.60
N SER A 732 -16.57 14.06 -7.54
CA SER A 732 -15.82 12.87 -7.19
C SER A 732 -14.49 13.18 -6.52
N ILE A 733 -14.03 14.43 -6.59
CA ILE A 733 -12.83 14.82 -5.86
C ILE A 733 -13.09 14.79 -4.36
N VAL A 734 -14.22 15.32 -3.93
CA VAL A 734 -14.56 15.32 -2.50
C VAL A 734 -14.68 13.90 -1.99
N THR A 735 -15.33 13.03 -2.76
CA THR A 735 -15.40 11.62 -2.36
C THR A 735 -14.02 10.98 -2.32
N GLY A 736 -13.16 11.34 -3.27
CA GLY A 736 -11.80 10.84 -3.24
C GLY A 736 -11.03 11.30 -2.02
N VAL A 737 -11.33 12.50 -1.53
CA VAL A 737 -10.68 13.01 -0.33
C VAL A 737 -11.09 12.19 0.89
N GLU A 738 -12.40 11.96 1.05
CA GLU A 738 -12.87 11.18 2.19
C GLU A 738 -12.40 9.74 2.10
N GLU A 739 -12.42 9.15 0.90
CA GLU A 739 -11.94 7.78 0.74
C GLU A 739 -10.43 7.71 0.85
N GLY A 740 -9.72 8.76 0.46
CA GLY A 740 -8.29 8.80 0.66
C GLY A 740 -7.89 8.89 2.12
N ARG A 741 -8.61 9.70 2.89
CA ARG A 741 -8.31 9.81 4.31
C ARG A 741 -8.83 8.59 5.09
N LEU A 742 -9.83 7.91 4.55
CA LEU A 742 -10.33 6.70 5.21
C LEU A 742 -9.38 5.54 5.02
N ILE A 743 -8.83 5.36 3.82
CA ILE A 743 -7.94 4.23 3.59
C ILE A 743 -6.64 4.42 4.35
N PHE A 744 -6.22 5.67 4.56
CA PHE A 744 -5.02 5.92 5.35
C PHE A 744 -5.19 5.46 6.79
N ASP A 745 -6.34 5.80 7.40
CA ASP A 745 -6.58 5.39 8.77
C ASP A 745 -6.77 3.88 8.87
N ASN A 746 -7.49 3.29 7.92
CA ASN A 746 -7.70 1.85 7.93
C ASN A 746 -6.38 1.10 7.76
N ILE A 747 -5.49 1.62 6.90
CA ILE A 747 -4.17 1.03 6.77
C ILE A 747 -3.43 1.11 8.10
N LYS A 748 -3.50 2.26 8.76
CA LYS A 748 -2.83 2.40 10.06
C LYS A 748 -3.38 1.41 11.08
N LYS A 749 -4.67 1.10 10.99
CA LYS A 749 -5.26 0.13 11.90
C LYS A 749 -4.94 -1.30 11.50
N SER A 750 -4.47 -1.53 10.27
CA SER A 750 -3.92 -2.83 9.93
C SER A 750 -2.48 -2.96 10.41
N ILE A 751 -1.71 -1.87 10.33
CA ILE A 751 -0.34 -1.89 10.85
C ILE A 751 -0.32 -2.14 12.36
N ALA A 752 -1.16 -1.45 13.11
CA ALA A 752 -1.21 -1.63 14.56
C ALA A 752 -1.73 -3.00 14.96
N TYR A 753 -2.31 -3.76 14.03
CA TYR A 753 -2.79 -5.10 14.31
C TYR A 753 -1.75 -6.17 14.01
N THR A 754 -1.06 -6.07 12.87
CA THR A 754 -0.03 -7.03 12.54
C THR A 754 1.28 -6.79 13.27
N LEU A 755 1.46 -5.62 13.87
CA LEU A 755 2.62 -5.35 14.70
C LEU A 755 2.43 -5.85 16.13
N THR A 756 1.21 -6.21 16.52
CA THR A 756 0.96 -6.79 17.83
C THR A 756 1.25 -8.28 17.87
N SER A 757 1.47 -8.91 16.71
CA SER A 757 1.85 -10.31 16.67
C SER A 757 3.35 -10.52 16.75
N LYS A 758 4.14 -9.46 16.63
CA LYS A 758 5.59 -9.63 16.52
C LYS A 758 6.24 -9.93 17.87
N ILE A 759 5.72 -9.37 18.96
CA ILE A 759 6.30 -9.67 20.27
C ILE A 759 5.85 -11.03 20.81
N PRO A 760 4.58 -11.47 20.67
CA PRO A 760 4.30 -12.86 21.04
C PRO A 760 5.03 -13.87 20.18
N GLU A 761 5.37 -13.52 18.93
CA GLU A 761 6.19 -14.40 18.12
C GLU A 761 7.65 -14.34 18.56
N LEU A 762 8.14 -13.14 18.90
CA LEU A 762 9.54 -12.98 19.29
C LEU A 762 9.83 -13.46 20.70
N SER A 763 8.90 -13.28 21.63
CA SER A 763 9.17 -13.53 23.04
C SER A 763 9.69 -14.94 23.33
N PRO A 764 9.16 -16.02 22.73
CA PRO A 764 9.75 -17.34 23.01
C PRO A 764 11.22 -17.44 22.66
N PHE A 765 11.68 -16.69 21.65
CA PHE A 765 13.09 -16.77 21.27
C PHE A 765 13.99 -16.07 22.28
N LEU A 766 13.60 -14.88 22.73
CA LEU A 766 14.42 -14.20 23.73
C LEU A 766 14.22 -14.81 25.12
N MET A 767 13.11 -15.50 25.34
CA MET A 767 12.97 -16.30 26.55
C MET A 767 13.75 -17.60 26.45
N TYR A 768 14.13 -17.99 25.24
CA TYR A 768 14.92 -19.21 25.04
C TYR A 768 16.39 -18.99 25.32
N ILE A 769 16.86 -17.75 25.26
CA ILE A 769 18.28 -17.46 25.42
C ILE A 769 18.58 -16.80 26.76
N LEU A 770 17.72 -15.88 27.20
CA LEU A 770 17.90 -15.26 28.51
C LEU A 770 17.84 -16.31 29.60
N PHE A 771 16.69 -16.95 29.75
CA PHE A 771 16.55 -18.17 30.53
C PHE A 771 16.59 -19.36 29.58
N ASP A 772 16.93 -20.53 30.13
CA ASP A 772 17.11 -21.72 29.31
C ASP A 772 15.83 -22.57 29.38
N LEU A 773 14.81 -22.12 28.64
CA LEU A 773 13.55 -22.77 28.36
C LEU A 773 13.58 -23.46 27.01
N PRO A 774 12.99 -24.65 26.90
CA PRO A 774 12.79 -25.24 25.57
C PRO A 774 11.93 -24.33 24.71
N LEU A 775 12.22 -24.32 23.41
CA LEU A 775 11.55 -23.39 22.51
C LEU A 775 10.04 -23.58 22.54
N ALA A 776 9.32 -22.46 22.52
CA ALA A 776 7.86 -22.47 22.53
C ALA A 776 7.27 -22.36 21.14
N ILE A 777 7.78 -21.45 20.31
CA ILE A 777 7.29 -21.24 18.96
C ILE A 777 8.37 -21.65 17.96
N GLY A 778 7.95 -22.34 16.91
CA GLY A 778 8.85 -22.76 15.85
C GLY A 778 8.86 -21.74 14.72
N THR A 779 9.99 -21.68 14.02
CA THR A 779 10.11 -20.72 12.92
C THR A 779 9.09 -21.01 11.82
N VAL A 780 8.91 -22.29 11.46
CA VAL A 780 7.92 -22.64 10.46
C VAL A 780 6.53 -22.26 10.94
N THR A 781 6.27 -22.40 12.24
CA THR A 781 4.98 -22.01 12.80
C THR A 781 4.74 -20.52 12.66
N ILE A 782 5.81 -19.72 12.74
CA ILE A 782 5.67 -18.27 12.60
C ILE A 782 5.18 -17.91 11.21
N LEU A 783 5.70 -18.56 10.18
CA LEU A 783 5.28 -18.28 8.81
C LEU A 783 3.80 -18.58 8.60
N CYS A 784 3.23 -19.44 9.43
CA CYS A 784 1.80 -19.74 9.36
C CYS A 784 0.93 -18.66 9.97
N ILE A 785 1.53 -17.67 10.64
CA ILE A 785 0.80 -16.56 11.23
C ILE A 785 0.79 -15.35 10.31
N ASP A 786 1.98 -14.84 9.99
CA ASP A 786 2.09 -13.64 9.16
C ASP A 786 1.61 -13.89 7.74
N LEU A 787 2.09 -14.95 7.10
CA LEU A 787 1.66 -15.26 5.74
C LEU A 787 0.34 -16.03 5.74
N GLY A 788 -0.10 -16.50 6.89
CA GLY A 788 -1.26 -17.37 6.95
C GLY A 788 -2.51 -16.73 7.51
N THR A 789 -2.81 -17.03 8.78
CA THR A 789 -4.05 -16.59 9.38
C THR A 789 -4.16 -15.08 9.39
N ASP A 790 -3.12 -14.38 9.88
CA ASP A 790 -3.19 -12.93 10.01
C ASP A 790 -2.95 -12.25 8.68
N VAL A 791 -3.68 -12.67 7.65
CA VAL A 791 -3.73 -11.97 6.36
C VAL A 791 -5.14 -11.48 6.06
N VAL A 792 -6.12 -12.38 6.09
CA VAL A 792 -7.50 -11.99 5.81
C VAL A 792 -8.02 -10.97 6.82
N PRO A 793 -7.85 -11.14 8.13
CA PRO A 793 -8.25 -10.06 9.05
C PRO A 793 -7.54 -8.75 8.79
N ALA A 794 -6.25 -8.80 8.44
CA ALA A 794 -5.54 -7.57 8.11
C ALA A 794 -6.08 -6.96 6.83
N ILE A 795 -6.40 -7.80 5.85
CA ILE A 795 -7.07 -7.33 4.63
C ILE A 795 -8.43 -6.77 4.95
N SER A 796 -9.12 -7.35 5.94
CA SER A 796 -10.51 -6.97 6.21
C SER A 796 -10.61 -5.53 6.68
N MET A 797 -9.55 -4.99 7.29
CA MET A 797 -9.62 -3.64 7.82
C MET A 797 -9.74 -2.58 6.73
N ALA A 798 -9.51 -2.96 5.47
CA ALA A 798 -9.77 -2.03 4.36
C ALA A 798 -11.25 -1.77 4.16
N TYR A 799 -12.12 -2.56 4.77
CA TYR A 799 -13.57 -2.39 4.65
C TYR A 799 -14.18 -1.62 5.81
N GLU A 800 -13.38 -1.24 6.81
CA GLU A 800 -13.93 -0.60 7.99
C GLU A 800 -14.44 0.81 7.68
N GLY A 801 -15.62 1.13 8.18
CA GLY A 801 -16.22 2.42 7.96
C GLY A 801 -15.65 3.47 8.86
N PRO A 802 -15.98 4.73 8.56
CA PRO A 802 -15.42 5.85 9.34
C PRO A 802 -16.12 6.01 10.68
N GLU A 803 -15.40 6.64 11.61
CA GLU A 803 -15.93 7.00 12.91
C GLU A 803 -15.61 8.46 13.18
N ALA A 804 -16.62 9.22 13.59
CA ALA A 804 -16.51 10.67 13.79
C ALA A 804 -16.05 11.29 12.47
N ASP A 805 -15.29 12.38 12.54
CA ASP A 805 -14.75 13.02 11.35
C ASP A 805 -13.30 13.41 11.59
N PRO A 806 -12.39 13.06 10.67
CA PRO A 806 -11.03 13.62 10.70
C PRO A 806 -10.90 14.94 9.98
N ARG A 807 -12.02 15.62 9.67
CA ARG A 807 -11.96 16.90 8.98
C ARG A 807 -11.20 17.92 9.81
N LYS A 808 -11.58 18.09 11.08
CA LYS A 808 -10.89 19.02 11.97
C LYS A 808 -9.63 18.40 12.56
N PRO A 809 -9.66 17.17 13.11
CA PRO A 809 -8.41 16.56 13.58
C PRO A 809 -7.53 16.08 12.44
N ARG A 810 -6.37 16.70 12.26
CA ARG A 810 -5.44 16.35 11.18
C ARG A 810 -6.14 16.47 9.82
N ASP A 811 -6.48 17.72 9.46
CA ASP A 811 -7.30 17.98 8.28
C ASP A 811 -6.69 17.31 7.06
N PRO A 812 -5.47 17.66 6.61
CA PRO A 812 -4.88 16.87 5.51
C PRO A 812 -4.04 15.69 6.00
N VAL A 813 -4.54 15.00 7.03
CA VAL A 813 -3.79 13.85 7.64
C VAL A 813 -2.33 14.29 7.80
N LYS A 814 -2.09 15.35 8.57
CA LYS A 814 -0.71 15.76 8.82
C LYS A 814 -0.14 15.00 10.02
N GLU A 815 0.12 13.72 9.80
CA GLU A 815 0.69 12.85 10.82
C GLU A 815 1.41 11.70 10.14
N LYS A 816 2.24 11.01 10.91
CA LYS A 816 2.97 9.85 10.41
C LYS A 816 2.06 8.63 10.36
N LEU A 817 2.43 7.66 9.52
CA LEU A 817 1.71 6.40 9.48
C LEU A 817 1.98 5.57 10.73
N VAL A 818 3.24 5.53 11.17
CA VAL A 818 3.63 4.81 12.37
C VAL A 818 4.41 5.77 13.26
N ASN A 819 4.05 5.81 14.54
CA ASN A 819 4.73 6.71 15.48
C ASN A 819 4.94 6.03 16.82
N GLU A 820 5.47 6.78 17.78
CA GLU A 820 5.81 6.21 19.09
C GLU A 820 4.58 5.68 19.80
N ARG A 821 3.42 6.31 19.59
CA ARG A 821 2.21 5.85 20.24
C ARG A 821 1.76 4.50 19.69
N LEU A 822 1.95 4.27 18.39
CA LEU A 822 1.60 2.99 17.81
C LEU A 822 2.54 1.88 18.27
N ILE A 823 3.85 2.18 18.30
CA ILE A 823 4.81 1.20 18.77
C ILE A 823 4.57 0.87 20.24
N SER A 824 4.33 1.90 21.07
CA SER A 824 4.07 1.67 22.47
C SER A 824 2.76 0.93 22.70
N MET A 825 1.85 0.95 21.72
CA MET A 825 0.59 0.23 21.84
C MET A 825 0.60 -1.11 21.11
N ALA A 826 1.57 -1.34 20.23
CA ALA A 826 1.70 -2.61 19.53
C ALA A 826 2.83 -3.45 20.09
N TYR A 827 4.04 -2.92 20.13
CA TYR A 827 5.16 -3.61 20.75
C TYR A 827 5.13 -3.52 22.27
N GLY A 828 4.26 -2.68 22.82
CA GLY A 828 4.22 -2.47 24.25
C GLY A 828 3.05 -3.13 24.94
N GLN A 829 2.01 -2.33 25.22
CA GLN A 829 0.91 -2.77 26.07
C GLN A 829 0.19 -4.01 25.52
N ILE A 830 -0.46 -3.87 24.37
CA ILE A 830 -1.30 -4.96 23.86
C ILE A 830 -0.44 -6.16 23.46
N GLY A 831 0.76 -5.90 22.94
CA GLY A 831 1.60 -6.99 22.48
C GLY A 831 2.06 -7.91 23.59
N VAL A 832 2.45 -7.34 24.73
CA VAL A 832 2.94 -8.14 25.85
C VAL A 832 1.85 -9.07 26.36
N MET A 833 0.62 -8.55 26.50
CA MET A 833 -0.48 -9.38 26.97
C MET A 833 -0.81 -10.52 26.02
N GLN A 834 -0.31 -10.47 24.79
CA GLN A 834 -0.44 -11.62 23.90
C GLN A 834 0.63 -12.66 24.18
N ALA A 835 1.84 -12.22 24.52
CA ALA A 835 2.92 -13.15 24.83
C ALA A 835 2.64 -13.90 26.14
N PHE A 836 2.16 -13.19 27.16
CA PHE A 836 1.81 -13.85 28.40
C PHE A 836 0.68 -14.85 28.19
N GLY A 837 -0.31 -14.49 27.38
CA GLY A 837 -1.36 -15.43 27.04
C GLY A 837 -0.85 -16.64 26.28
N GLY A 838 0.09 -16.42 25.36
CA GLY A 838 0.65 -17.54 24.62
C GLY A 838 1.45 -18.46 25.51
N PHE A 839 2.28 -17.90 26.39
CA PHE A 839 3.12 -18.73 27.24
C PHE A 839 2.32 -19.45 28.31
N PHE A 840 1.16 -18.92 28.69
CA PHE A 840 0.34 -19.61 29.68
C PHE A 840 -0.12 -20.96 29.15
N THR A 841 -0.38 -21.05 27.84
CA THR A 841 -0.73 -22.34 27.25
C THR A 841 0.50 -23.25 27.17
N TYR A 842 1.67 -22.68 26.91
CA TYR A 842 2.89 -23.48 26.84
C TYR A 842 3.21 -24.09 28.19
N PHE A 843 2.98 -23.34 29.28
CA PHE A 843 3.24 -23.87 30.61
C PHE A 843 2.15 -24.85 31.03
N VAL A 844 0.95 -24.72 30.48
CA VAL A 844 -0.14 -25.61 30.84
C VAL A 844 0.10 -27.00 30.27
N ILE A 845 0.51 -27.07 29.01
CA ILE A 845 0.74 -28.37 28.40
C ILE A 845 1.97 -29.05 28.99
N MET A 846 3.05 -28.29 29.16
CA MET A 846 4.24 -28.85 29.77
C MET A 846 3.95 -29.33 31.19
N GLY A 847 3.21 -28.53 31.95
CA GLY A 847 2.86 -28.94 33.31
C GLY A 847 1.93 -30.13 33.33
N GLU A 848 1.00 -30.21 32.38
CA GLU A 848 0.04 -31.31 32.38
C GLU A 848 0.68 -32.60 31.89
N CYS A 849 1.61 -32.51 30.94
CA CYS A 849 2.25 -33.70 30.39
C CYS A 849 3.39 -34.22 31.26
N GLY A 850 3.89 -33.42 32.20
CA GLY A 850 4.90 -33.90 33.12
C GLY A 850 5.99 -32.93 33.48
N PHE A 851 6.28 -31.95 32.62
CA PHE A 851 7.38 -31.02 32.85
C PHE A 851 6.87 -29.80 33.61
N LEU A 852 7.09 -29.79 34.92
CA LEU A 852 6.67 -28.66 35.73
C LEU A 852 7.57 -27.45 35.45
N PRO A 853 7.06 -26.24 35.70
CA PRO A 853 7.87 -25.03 35.44
C PRO A 853 9.19 -25.00 36.20
N ASN A 854 9.27 -25.59 37.39
CA ASN A 854 10.54 -25.58 38.13
C ASN A 854 11.62 -26.34 37.38
N ARG A 855 11.25 -27.44 36.72
CA ARG A 855 12.22 -28.22 35.95
C ARG A 855 12.55 -27.54 34.62
N LEU A 856 11.61 -26.80 34.04
CA LEU A 856 11.78 -26.30 32.68
C LEU A 856 12.95 -25.33 32.57
N PHE A 857 13.10 -24.43 33.55
CA PHE A 857 14.15 -23.42 33.45
C PHE A 857 15.52 -24.04 33.63
N GLY A 858 16.42 -23.79 32.68
CA GLY A 858 17.73 -24.40 32.67
C GLY A 858 17.83 -25.69 31.89
N LEU A 859 16.84 -26.00 31.06
CA LEU A 859 16.77 -27.29 30.37
C LEU A 859 17.09 -27.18 28.88
N ARG A 860 17.56 -26.02 28.41
CA ARG A 860 17.78 -25.85 26.98
C ARG A 860 18.85 -26.79 26.45
N LYS A 861 19.94 -26.96 27.20
CA LYS A 861 21.08 -27.74 26.69
C LYS A 861 20.69 -29.18 26.44
N TRP A 862 19.93 -29.78 27.35
CA TRP A 862 19.59 -31.20 27.27
C TRP A 862 18.36 -31.45 26.40
N TRP A 863 17.42 -30.51 26.35
CA TRP A 863 16.20 -30.69 25.58
C TRP A 863 16.50 -30.94 24.10
N GLU A 864 17.33 -30.08 23.50
CA GLU A 864 17.66 -30.23 22.09
C GLU A 864 18.58 -31.42 21.85
N SER A 865 19.50 -31.66 22.77
CA SER A 865 20.54 -32.68 22.60
C SER A 865 19.94 -34.06 22.40
N LYS A 866 20.43 -34.76 21.38
CA LYS A 866 20.02 -36.13 21.13
C LYS A 866 20.80 -37.13 21.96
N ALA A 867 21.79 -36.68 22.73
CA ALA A 867 22.54 -37.58 23.59
C ALA A 867 21.67 -38.14 24.70
N TYR A 868 20.80 -37.31 25.27
CA TYR A 868 19.95 -37.72 26.38
C TYR A 868 18.66 -38.30 25.81
N ASN A 869 18.54 -39.62 25.84
CA ASN A 869 17.32 -40.30 25.48
C ASN A 869 16.42 -40.55 26.68
N ASP A 870 16.83 -40.09 27.86
CA ASP A 870 16.09 -40.36 29.09
C ASP A 870 16.02 -39.13 29.98
N LEU A 871 15.77 -37.96 29.38
CA LEU A 871 15.62 -36.73 30.16
C LEU A 871 14.38 -36.86 31.03
N THR A 872 14.51 -36.47 32.30
CA THR A 872 13.45 -36.73 33.26
C THR A 872 12.57 -35.49 33.46
N ASP A 873 11.28 -35.73 33.60
CA ASP A 873 10.35 -34.68 33.97
C ASP A 873 10.24 -34.60 35.49
N SER A 874 9.24 -33.88 36.00
CA SER A 874 9.11 -33.67 37.44
C SER A 874 8.41 -34.83 38.15
N TYR A 875 7.91 -35.82 37.41
CA TYR A 875 7.29 -36.98 38.04
C TYR A 875 8.13 -38.25 37.89
N GLY A 876 9.41 -38.11 37.56
CA GLY A 876 10.30 -39.24 37.48
C GLY A 876 10.27 -40.01 36.18
N GLN A 877 9.42 -39.63 35.23
CA GLN A 877 9.42 -40.29 33.94
C GLN A 877 10.71 -39.99 33.18
N GLU A 878 10.88 -40.65 32.06
CA GLU A 878 12.03 -40.40 31.18
C GLU A 878 11.53 -40.34 29.75
N TRP A 879 11.72 -39.19 29.11
CA TRP A 879 11.29 -38.96 27.74
C TRP A 879 12.43 -39.24 26.78
N THR A 880 12.10 -39.83 25.64
CA THR A 880 13.09 -40.01 24.58
C THR A 880 13.32 -38.68 23.86
N TRP A 881 14.12 -38.72 22.80
CA TRP A 881 14.28 -37.51 22.00
C TRP A 881 13.06 -37.26 21.12
N ASP A 882 12.42 -38.34 20.65
CA ASP A 882 11.25 -38.18 19.81
C ASP A 882 10.05 -37.70 20.62
N ALA A 883 9.81 -38.28 21.78
CA ALA A 883 8.66 -37.89 22.59
C ALA A 883 8.85 -36.50 23.18
N ARG A 884 10.09 -36.10 23.43
CA ARG A 884 10.37 -34.73 23.83
C ARG A 884 10.03 -33.76 22.71
N LYS A 885 10.56 -34.02 21.51
CA LYS A 885 10.29 -33.15 20.37
C LYS A 885 8.82 -33.16 19.97
N GLN A 886 8.17 -34.32 20.05
CA GLN A 886 6.73 -34.38 19.78
C GLN A 886 5.96 -33.49 20.74
N LEU A 887 6.35 -33.50 22.02
CA LEU A 887 5.72 -32.61 22.99
C LEU A 887 5.99 -31.16 22.66
N GLU A 888 7.22 -30.85 22.26
CA GLU A 888 7.57 -29.46 21.95
C GLU A 888 6.78 -28.95 20.75
N TYR A 889 6.57 -29.81 19.75
CA TYR A 889 5.85 -29.37 18.56
C TYR A 889 4.37 -29.16 18.86
N THR A 890 3.81 -29.95 19.78
CA THR A 890 2.45 -29.71 20.21
C THR A 890 2.31 -28.34 20.87
N CYS A 891 3.30 -27.95 21.68
CA CYS A 891 3.30 -26.61 22.26
C CYS A 891 3.53 -25.56 21.17
N HIS A 892 4.27 -25.91 20.12
CA HIS A 892 4.41 -25.01 18.98
C HIS A 892 3.06 -24.74 18.34
N THR A 893 2.26 -25.78 18.15
CA THR A 893 0.91 -25.60 17.63
C THR A 893 0.05 -24.79 18.60
N ALA A 894 0.15 -25.08 19.90
CA ALA A 894 -0.71 -24.40 20.86
C ALA A 894 -0.34 -22.93 20.99
N PHE A 895 0.94 -22.60 20.94
CA PHE A 895 1.34 -21.19 20.91
C PHE A 895 0.78 -20.50 19.67
N PHE A 896 0.79 -21.19 18.53
CA PHE A 896 0.22 -20.65 17.32
C PHE A 896 -1.27 -20.36 17.50
N ILE A 897 -2.02 -21.34 18.01
CA ILE A 897 -3.45 -21.15 18.21
C ILE A 897 -3.71 -20.12 19.31
N SER A 898 -2.87 -20.12 20.35
CA SER A 898 -3.02 -19.11 21.40
C SER A 898 -2.81 -17.71 20.83
N ILE A 899 -1.82 -17.55 19.94
CA ILE A 899 -1.64 -16.27 19.27
C ILE A 899 -2.86 -15.94 18.41
N VAL A 900 -3.44 -16.94 17.75
CA VAL A 900 -4.63 -16.71 16.95
C VAL A 900 -5.80 -16.32 17.83
N ILE A 901 -5.97 -17.00 18.97
CA ILE A 901 -7.13 -16.76 19.82
C ILE A 901 -7.05 -15.38 20.45
N VAL A 902 -5.85 -14.94 20.83
CA VAL A 902 -5.70 -13.61 21.41
C VAL A 902 -5.64 -12.58 20.28
N GLN A 903 -5.81 -13.06 19.04
CA GLN A 903 -5.91 -12.17 17.89
C GLN A 903 -7.35 -11.88 17.49
N TRP A 904 -8.31 -12.68 17.95
CA TRP A 904 -9.72 -12.31 17.79
C TRP A 904 -10.00 -10.99 18.48
N THR A 905 -9.62 -10.87 19.76
CA THR A 905 -9.80 -9.63 20.48
C THR A 905 -8.95 -8.52 19.89
N ASP A 906 -7.75 -8.85 19.42
CA ASP A 906 -6.89 -7.83 18.81
C ASP A 906 -7.56 -7.19 17.61
N LEU A 907 -8.22 -7.99 16.77
CA LEU A 907 -8.93 -7.46 15.62
C LEU A 907 -10.09 -6.57 16.04
N ILE A 908 -10.90 -7.05 16.99
CA ILE A 908 -12.09 -6.32 17.40
C ILE A 908 -11.72 -4.98 18.02
N ILE A 909 -10.69 -4.95 18.88
CA ILE A 909 -10.28 -3.70 19.51
C ILE A 909 -9.47 -2.81 18.57
N CYS A 910 -8.98 -3.34 17.45
CA CYS A 910 -8.36 -2.50 16.43
C CYS A 910 -9.35 -2.07 15.37
N LYS A 911 -10.56 -2.63 15.39
CA LYS A 911 -11.61 -2.19 14.48
C LYS A 911 -11.95 -0.72 14.72
N THR A 912 -12.02 -0.33 15.98
CA THR A 912 -12.26 1.05 16.38
C THR A 912 -10.97 1.66 16.91
N ARG A 913 -10.96 3.00 16.99
CA ARG A 913 -9.80 3.70 17.49
C ARG A 913 -10.12 4.78 18.52
N ARG A 914 -11.33 5.33 18.53
CA ARG A 914 -11.70 6.30 19.54
C ARG A 914 -13.04 5.95 20.18
N LEU A 915 -13.93 5.32 19.42
CA LEU A 915 -15.25 4.95 19.90
C LEU A 915 -15.26 3.51 20.40
N SER A 916 -16.10 3.26 21.40
CA SER A 916 -16.23 1.92 21.94
C SER A 916 -16.88 0.99 20.93
N LEU A 917 -16.69 -0.31 21.15
CA LEU A 917 -17.21 -1.30 20.22
C LEU A 917 -18.73 -1.28 20.18
N PHE A 918 -19.38 -1.15 21.34
CA PHE A 918 -20.83 -1.14 21.39
C PHE A 918 -21.43 0.02 20.62
N GLN A 919 -20.70 1.12 20.45
CA GLN A 919 -21.16 2.24 19.64
C GLN A 919 -20.97 1.96 18.15
N GLN A 920 -19.77 1.52 17.77
CA GLN A 920 -19.49 1.26 16.36
C GLN A 920 -20.33 0.12 15.81
N GLY A 921 -20.39 -1.00 16.54
CA GLY A 921 -21.14 -2.14 16.09
C GLY A 921 -20.36 -3.01 15.12
N MET A 922 -20.38 -4.32 15.34
CA MET A 922 -19.67 -5.24 14.46
C MET A 922 -20.49 -5.41 13.19
N LYS A 923 -20.24 -4.54 12.20
CA LYS A 923 -21.02 -4.52 10.96
C LYS A 923 -20.04 -4.42 9.79
N ASN A 924 -19.00 -5.26 9.81
CA ASN A 924 -18.05 -5.36 8.70
C ASN A 924 -18.03 -6.81 8.26
N GLY A 925 -18.67 -7.08 7.12
CA GLY A 925 -18.85 -8.43 6.62
C GLY A 925 -17.56 -9.21 6.48
N THR A 926 -16.51 -8.56 5.98
CA THR A 926 -15.23 -9.24 5.83
C THR A 926 -14.65 -9.61 7.19
N LEU A 927 -14.79 -8.72 8.18
CA LEU A 927 -14.20 -8.96 9.49
C LEU A 927 -14.83 -10.17 10.18
N ASN A 928 -16.16 -10.24 10.18
CA ASN A 928 -16.82 -11.40 10.78
C ASN A 928 -16.44 -12.68 10.04
N PHE A 929 -16.36 -12.62 8.72
CA PHE A 929 -15.91 -13.78 7.96
C PHE A 929 -14.44 -14.08 8.25
N ALA A 930 -13.62 -13.03 8.44
CA ALA A 930 -12.20 -13.23 8.70
C ALA A 930 -11.97 -13.99 10.00
N LEU A 931 -12.74 -13.66 11.04
CA LEU A 931 -12.63 -14.37 12.30
C LEU A 931 -12.95 -15.86 12.11
N VAL A 932 -13.97 -16.17 11.32
CA VAL A 932 -14.25 -17.56 10.99
C VAL A 932 -13.12 -18.16 10.19
N PHE A 933 -12.53 -17.37 9.28
CA PHE A 933 -11.40 -17.86 8.50
C PHE A 933 -10.16 -18.07 9.36
N GLU A 934 -9.96 -17.20 10.36
CA GLU A 934 -8.82 -17.35 11.26
C GLU A 934 -8.87 -18.68 11.98
N THR A 935 -10.01 -19.01 12.59
CA THR A 935 -10.12 -20.25 13.35
C THR A 935 -10.06 -21.48 12.45
N CYS A 936 -10.75 -21.42 11.29
CA CYS A 936 -10.85 -22.60 10.45
C CYS A 936 -9.49 -22.99 9.90
N VAL A 937 -8.67 -22.03 9.50
CA VAL A 937 -7.32 -22.34 9.01
C VAL A 937 -6.49 -22.95 10.13
N ALA A 938 -6.55 -22.37 11.32
CA ALA A 938 -5.82 -22.92 12.46
C ALA A 938 -6.32 -24.31 12.80
N ALA A 939 -7.65 -24.50 12.81
CA ALA A 939 -8.21 -25.82 13.11
C ALA A 939 -7.87 -26.83 12.03
N PHE A 940 -7.96 -26.43 10.76
CA PHE A 940 -7.63 -27.34 9.68
C PHE A 940 -6.15 -27.70 9.67
N LEU A 941 -5.28 -26.70 9.93
CA LEU A 941 -3.84 -26.94 9.86
C LEU A 941 -3.33 -27.75 11.03
N SER A 942 -4.17 -28.05 12.02
CA SER A 942 -3.73 -28.76 13.22
C SER A 942 -4.61 -29.96 13.55
N TYR A 943 -5.50 -30.37 12.65
CA TYR A 943 -6.36 -31.51 12.94
C TYR A 943 -6.56 -32.41 11.72
N THR A 944 -5.59 -32.46 10.82
CA THR A 944 -5.70 -33.29 9.63
C THR A 944 -4.41 -34.10 9.48
N PRO A 945 -4.50 -35.40 9.23
CA PRO A 945 -3.28 -36.22 9.12
C PRO A 945 -2.43 -35.79 7.93
N GLY A 946 -1.20 -35.36 8.22
CA GLY A 946 -0.28 -35.00 7.15
C GLY A 946 0.59 -33.79 7.42
N MET A 947 0.12 -32.85 8.25
CA MET A 947 0.86 -31.62 8.49
C MET A 947 1.81 -31.70 9.68
N ASP A 948 1.97 -32.87 10.29
CA ASP A 948 3.08 -33.10 11.20
C ASP A 948 4.33 -33.52 10.46
N LYS A 949 4.35 -33.34 9.15
CA LYS A 949 5.40 -33.86 8.29
C LYS A 949 6.10 -32.74 7.53
N GLY A 950 6.46 -31.68 8.23
CA GLY A 950 7.14 -30.56 7.62
C GLY A 950 6.67 -29.22 8.14
N LEU A 951 5.39 -29.14 8.53
CA LEU A 951 4.89 -27.96 9.23
C LEU A 951 4.96 -28.09 10.74
N ARG A 952 5.31 -29.28 11.25
CA ARG A 952 5.46 -29.52 12.69
C ARG A 952 4.21 -29.10 13.45
N MET A 953 3.07 -29.64 13.03
CA MET A 953 1.77 -29.29 13.59
C MET A 953 1.05 -30.56 13.99
N TYR A 954 0.63 -30.64 15.25
CA TYR A 954 0.07 -31.86 15.80
C TYR A 954 -1.31 -31.59 16.39
N PRO A 955 -2.18 -32.60 16.42
CA PRO A 955 -3.51 -32.40 16.99
C PRO A 955 -3.44 -32.00 18.46
N LEU A 956 -4.35 -31.12 18.85
CA LEU A 956 -4.45 -30.63 20.21
C LEU A 956 -5.69 -31.17 20.89
N LYS A 957 -5.58 -31.45 22.18
CA LYS A 957 -6.75 -31.83 22.96
C LYS A 957 -7.75 -30.69 22.98
N ILE A 958 -9.03 -31.05 23.00
CA ILE A 958 -10.09 -30.05 22.98
C ILE A 958 -10.04 -29.14 24.20
N TRP A 959 -9.29 -29.53 25.23
CA TRP A 959 -9.13 -28.71 26.43
C TRP A 959 -7.95 -27.75 26.33
N TRP A 960 -7.16 -27.82 25.26
CA TRP A 960 -5.98 -26.99 25.12
C TRP A 960 -6.20 -25.78 24.21
N TRP A 961 -7.45 -25.53 23.81
CA TRP A 961 -7.80 -24.29 23.14
C TRP A 961 -8.24 -23.20 24.10
N PHE A 962 -8.64 -23.56 25.30
CA PHE A 962 -9.18 -22.67 26.33
C PHE A 962 -8.16 -21.83 27.08
N PRO A 963 -6.94 -22.31 27.37
CA PRO A 963 -6.02 -21.54 28.23
C PRO A 963 -5.79 -20.11 27.75
N PRO A 964 -5.67 -19.84 26.43
CA PRO A 964 -5.46 -18.45 26.02
C PRO A 964 -6.71 -17.60 26.02
N MET A 965 -7.90 -18.19 26.19
CA MET A 965 -9.13 -17.39 26.17
C MET A 965 -9.19 -16.34 27.27
N PRO A 966 -8.83 -16.61 28.53
CA PRO A 966 -8.87 -15.54 29.54
C PRO A 966 -8.01 -14.35 29.19
N PHE A 967 -6.87 -14.55 28.55
CA PHE A 967 -6.05 -13.41 28.16
C PHE A 967 -6.68 -12.64 27.01
N SER A 968 -7.49 -13.31 26.18
CA SER A 968 -8.23 -12.61 25.15
C SER A 968 -9.25 -11.66 25.75
N LEU A 969 -9.95 -12.10 26.81
CA LEU A 969 -10.94 -11.26 27.45
C LEU A 969 -10.29 -10.08 28.16
N LEU A 970 -9.10 -10.29 28.72
CA LEU A 970 -8.41 -9.22 29.42
C LEU A 970 -8.03 -8.10 28.46
N ILE A 971 -7.56 -8.45 27.27
CA ILE A 971 -7.19 -7.43 26.28
C ILE A 971 -8.42 -6.61 25.88
N LEU A 972 -9.54 -7.29 25.61
CA LEU A 972 -10.75 -6.60 25.21
C LEU A 972 -11.25 -5.67 26.31
N VAL A 973 -11.25 -6.16 27.55
CA VAL A 973 -11.71 -5.34 28.67
C VAL A 973 -10.78 -4.16 28.88
N TYR A 974 -9.48 -4.39 28.72
CA TYR A 974 -8.48 -3.31 28.91
C TYR A 974 -8.69 -2.22 27.84
N ASP A 975 -8.65 -2.61 26.56
CA ASP A 975 -8.73 -1.57 25.48
C ASP A 975 -10.03 -0.78 25.62
N GLU A 976 -11.17 -1.47 25.64
CA GLU A 976 -12.47 -0.74 25.70
C GLU A 976 -12.45 0.18 26.92
N CYS A 977 -11.93 -0.31 28.05
CA CYS A 977 -11.88 0.50 29.29
C CYS A 977 -11.10 1.79 29.01
N ARG A 978 -9.91 1.66 28.42
CA ARG A 978 -9.08 2.86 28.11
C ARG A 978 -9.87 3.77 27.18
N LYS A 979 -10.49 3.20 26.15
CA LYS A 979 -11.25 4.02 25.18
C LYS A 979 -12.19 4.93 25.97
N PHE A 980 -12.93 4.35 26.92
CA PHE A 980 -13.89 5.15 27.71
C PHE A 980 -13.14 6.28 28.41
N LEU A 981 -11.98 5.98 28.98
CA LEU A 981 -11.20 7.01 29.71
C LEU A 981 -10.71 8.06 28.71
N MET A 982 -10.20 7.64 27.55
CA MET A 982 -9.62 8.61 26.56
C MET A 982 -10.75 9.39 25.88
N ARG A 983 -11.87 8.73 25.55
CA ARG A 983 -13.01 9.49 24.99
C ARG A 983 -13.45 10.46 26.09
N ARG A 984 -13.36 10.02 27.35
CA ARG A 984 -13.63 10.96 28.47
C ARG A 984 -12.36 11.79 28.66
N ASN A 985 -12.33 12.72 29.60
CA ASN A 985 -11.06 13.45 29.83
C ASN A 985 -10.39 13.68 28.48
N PRO A 986 -11.06 14.31 27.48
CA PRO A 986 -10.49 14.48 26.15
C PRO A 986 -9.17 15.26 26.23
N GLY A 987 -8.16 14.83 25.47
CA GLY A 987 -6.84 15.49 25.53
C GLY A 987 -6.06 15.00 26.72
N GLY A 988 -6.65 14.11 27.52
CA GLY A 988 -5.95 13.57 28.71
C GLY A 988 -4.64 12.91 28.33
N PHE A 989 -3.63 13.03 29.21
CA PHE A 989 -2.30 12.43 28.93
C PHE A 989 -2.48 10.97 28.50
N LEU A 990 -3.49 10.29 29.06
CA LEU A 990 -3.78 8.90 28.61
C LEU A 990 -3.85 8.90 27.09
N GLU A 991 -4.72 9.73 26.52
CA GLU A 991 -4.81 9.84 25.04
C GLU A 991 -3.48 10.39 24.51
N ARG A 992 -2.85 11.31 25.23
CA ARG A 992 -1.61 11.94 24.74
C ARG A 992 -0.53 10.88 24.56
N GLU A 993 -0.67 9.72 25.22
CA GLU A 993 0.42 8.71 25.15
C GLU A 993 -0.14 7.31 24.87
N THR A 994 -1.35 7.20 24.32
CA THR A 994 -1.87 5.85 23.96
C THR A 994 -2.76 5.95 22.70
N TYR A 995 -3.11 7.16 22.29
CA TYR A 995 -3.93 7.34 21.06
C TYR A 995 -3.00 7.29 19.84
N TYR A 996 -2.95 6.15 19.15
CA TYR A 996 -2.03 6.00 18.00
C TYR A 996 -2.61 6.71 16.77
N THR B 45 23.42 16.38 12.74
CA THR B 45 22.34 17.12 13.37
C THR B 45 21.82 16.38 14.60
N PHE B 46 22.24 16.85 15.78
CA PHE B 46 21.82 16.20 17.02
C PHE B 46 20.34 16.46 17.32
N ILE B 47 19.90 17.71 17.17
CA ILE B 47 18.55 18.14 17.49
C ILE B 47 18.18 17.64 18.88
N TRP B 48 19.10 17.76 19.83
CA TRP B 48 18.90 17.17 21.15
C TRP B 48 17.88 17.95 21.97
N ASN B 49 17.98 19.28 21.94
CA ASN B 49 17.00 20.16 22.60
C ASN B 49 16.87 19.83 24.09
N SER B 50 18.00 19.62 24.75
CA SER B 50 18.01 19.38 26.19
C SER B 50 17.72 20.64 27.00
N GLU B 51 17.95 21.82 26.42
CA GLU B 51 17.72 23.07 27.14
C GLU B 51 16.26 23.24 27.51
N THR B 52 15.35 22.90 26.61
CA THR B 52 13.91 22.90 26.88
C THR B 52 13.43 21.52 27.28
N SER B 53 14.05 20.95 28.32
CA SER B 53 13.82 19.57 28.75
C SER B 53 13.95 18.62 27.56
N GLU B 54 12.83 18.00 27.16
CA GLU B 54 12.75 17.23 25.92
C GLU B 54 13.84 16.15 25.86
N PHE B 55 13.69 15.17 26.76
CA PHE B 55 14.62 14.03 26.79
C PHE B 55 14.28 13.06 25.65
N MET B 56 14.33 13.63 24.44
CA MET B 56 14.20 12.97 23.13
C MET B 56 12.73 12.61 22.89
N GLY B 57 11.88 12.65 23.93
CA GLY B 57 10.48 12.47 23.63
C GLY B 57 9.47 13.23 24.46
N ARG B 58 9.90 13.84 25.56
CA ARG B 58 9.00 14.34 26.59
C ARG B 58 9.82 15.11 27.61
N THR B 59 9.12 15.72 28.57
CA THR B 59 9.76 16.38 29.69
C THR B 59 9.95 15.39 30.83
N GLY B 60 10.54 15.87 31.93
CA GLY B 60 10.81 14.99 33.06
C GLY B 60 9.55 14.46 33.71
N VAL B 61 8.55 15.32 33.91
CA VAL B 61 7.31 14.87 34.52
C VAL B 61 6.59 13.89 33.61
N ASN B 62 6.63 14.13 32.30
CA ASN B 62 6.01 13.21 31.36
C ASN B 62 6.69 11.85 31.36
N TRP B 63 8.03 11.83 31.40
CA TRP B 63 8.72 10.55 31.50
C TRP B 63 8.41 9.86 32.81
N ALA B 64 8.34 10.61 33.91
CA ALA B 64 7.97 9.99 35.18
C ALA B 64 6.59 9.35 35.09
N LYS B 65 5.64 10.06 34.47
CA LYS B 65 4.29 9.52 34.32
C LYS B 65 4.27 8.25 33.49
N ILE B 66 4.95 8.26 32.34
CA ILE B 66 4.94 7.08 31.48
C ILE B 66 5.66 5.92 32.17
N THR B 67 6.70 6.20 32.94
CA THR B 67 7.42 5.13 33.61
C THR B 67 6.59 4.51 34.72
N ILE B 68 5.92 5.32 35.53
CA ILE B 68 5.09 4.72 36.59
C ILE B 68 3.95 3.94 35.96
N PHE B 69 3.40 4.45 34.85
CA PHE B 69 2.32 3.73 34.18
C PHE B 69 2.80 2.38 33.65
N TYR B 70 3.96 2.36 33.00
CA TYR B 70 4.49 1.08 32.51
C TYR B 70 4.80 0.14 33.67
N VAL B 71 5.36 0.66 34.75
CA VAL B 71 5.71 -0.18 35.89
C VAL B 71 4.46 -0.84 36.47
N ILE B 72 3.39 -0.06 36.68
CA ILE B 72 2.18 -0.64 37.23
C ILE B 72 1.53 -1.57 36.23
N PHE B 73 1.57 -1.24 34.94
CA PHE B 73 0.97 -2.11 33.94
C PHE B 73 1.62 -3.48 33.96
N TYR B 74 2.96 -3.52 33.94
CA TYR B 74 3.65 -4.80 33.99
C TYR B 74 3.48 -5.48 35.34
N THR B 75 3.35 -4.72 36.43
CA THR B 75 3.17 -5.32 37.75
C THR B 75 1.85 -6.08 37.84
N LEU B 76 0.74 -5.43 37.51
CA LEU B 76 -0.53 -6.17 37.54
C LEU B 76 -0.63 -7.19 36.40
N LEU B 77 0.11 -7.00 35.30
CA LEU B 77 0.13 -8.04 34.29
C LEU B 77 0.80 -9.31 34.82
N ALA B 78 1.96 -9.17 35.47
CA ALA B 78 2.60 -10.31 36.10
C ALA B 78 1.73 -10.88 37.20
N GLY B 79 1.00 -10.02 37.92
CA GLY B 79 0.08 -10.52 38.93
C GLY B 79 -1.01 -11.39 38.35
N PHE B 80 -1.61 -10.94 37.23
CA PHE B 80 -2.61 -11.75 36.55
C PHE B 80 -2.04 -13.07 36.06
N PHE B 81 -0.84 -13.03 35.47
CA PHE B 81 -0.24 -14.26 34.97
C PHE B 81 0.07 -15.22 36.11
N ALA B 82 0.62 -14.72 37.22
CA ALA B 82 0.92 -15.58 38.35
C ALA B 82 -0.35 -16.13 38.98
N GLY B 83 -1.42 -15.33 39.05
CA GLY B 83 -2.68 -15.83 39.55
C GLY B 83 -3.23 -16.95 38.68
N MET B 84 -3.12 -16.80 37.37
CA MET B 84 -3.57 -17.87 36.47
C MET B 84 -2.72 -19.12 36.62
N LEU B 85 -1.40 -18.94 36.77
CA LEU B 85 -0.54 -20.11 36.97
C LEU B 85 -0.88 -20.83 38.28
N MET B 86 -1.18 -20.06 39.33
CA MET B 86 -1.59 -20.68 40.59
C MET B 86 -2.92 -21.40 40.45
N ILE B 87 -3.87 -20.79 39.71
CA ILE B 87 -5.15 -21.43 39.47
C ILE B 87 -4.97 -22.75 38.74
N PHE B 88 -4.06 -22.77 37.75
CA PHE B 88 -3.74 -24.02 37.07
C PHE B 88 -3.08 -25.01 38.02
N TYR B 89 -2.19 -24.52 38.89
CA TYR B 89 -1.48 -25.40 39.81
C TYR B 89 -2.45 -26.11 40.76
N GLN B 90 -3.42 -25.39 41.30
CA GLN B 90 -4.36 -26.00 42.25
C GLN B 90 -5.15 -27.15 41.63
N THR B 91 -5.07 -27.35 40.32
CA THR B 91 -5.73 -28.45 39.65
C THR B 91 -4.76 -29.53 39.19
N LEU B 92 -3.59 -29.64 39.84
CA LEU B 92 -2.58 -30.61 39.47
C LEU B 92 -2.32 -31.58 40.62
N ASP B 93 -2.11 -32.85 40.28
CA ASP B 93 -1.65 -33.85 41.23
C ASP B 93 -0.14 -33.93 41.11
N PHE B 94 0.57 -33.46 42.13
CA PHE B 94 2.03 -33.38 42.06
C PHE B 94 2.70 -34.74 42.14
N LYS B 95 1.97 -35.80 42.45
CA LYS B 95 2.52 -37.14 42.51
C LYS B 95 2.25 -37.96 41.24
N ILE B 96 1.16 -37.67 40.55
CA ILE B 96 0.78 -38.44 39.36
C ILE B 96 0.55 -37.46 38.20
N PRO B 97 1.13 -37.70 37.03
CA PRO B 97 0.92 -36.79 35.90
C PRO B 97 -0.54 -36.70 35.52
N LYS B 98 -0.95 -35.50 35.07
CA LYS B 98 -2.32 -35.30 34.63
C LYS B 98 -2.66 -36.22 33.46
N TRP B 99 -1.77 -36.31 32.48
CA TRP B 99 -1.91 -37.24 31.36
C TRP B 99 -0.86 -38.33 31.50
N GLN B 100 -1.32 -39.58 31.53
CA GLN B 100 -0.44 -40.72 31.77
C GLN B 100 -0.47 -41.68 30.59
N ASN B 101 0.57 -42.51 30.52
CA ASN B 101 0.59 -43.67 29.63
C ASN B 101 0.45 -43.29 28.16
N LYS B 102 -0.72 -43.59 27.58
CA LYS B 102 -0.94 -43.37 26.16
C LYS B 102 -1.63 -42.05 25.85
N ASP B 103 -2.30 -41.44 26.83
CA ASP B 103 -2.94 -40.16 26.60
C ASP B 103 -1.91 -39.08 26.25
N SER B 104 -0.76 -39.11 26.92
CA SER B 104 0.27 -38.12 26.68
C SER B 104 0.95 -38.37 25.34
N LEU B 105 1.98 -37.57 25.07
CA LEU B 105 2.83 -37.79 23.91
C LEU B 105 4.00 -38.71 24.23
N ILE B 106 4.15 -39.12 25.48
CA ILE B 106 5.15 -40.12 25.81
C ILE B 106 4.78 -41.46 25.19
N GLY B 107 3.49 -41.78 25.11
CA GLY B 107 3.05 -42.97 24.42
C GLY B 107 3.31 -44.23 25.22
N THR B 108 3.24 -45.36 24.50
CA THR B 108 3.52 -46.67 25.07
C THR B 108 4.80 -47.28 24.51
N ASN B 109 5.71 -46.45 24.01
CA ASN B 109 6.97 -46.91 23.44
C ASN B 109 8.13 -46.34 24.24
N PRO B 110 8.76 -47.12 25.11
CA PRO B 110 9.87 -46.60 25.90
C PRO B 110 11.19 -46.69 25.15
N GLY B 111 12.19 -46.03 25.70
CA GLY B 111 13.52 -46.01 25.10
C GLY B 111 14.59 -46.22 26.15
N LEU B 112 15.68 -46.84 25.71
CA LEU B 112 16.79 -47.17 26.61
C LEU B 112 17.68 -45.94 26.82
N GLY B 113 18.55 -46.03 27.82
CA GLY B 113 19.56 -45.01 28.03
C GLY B 113 20.80 -45.53 28.74
N PHE B 114 21.97 -45.31 28.14
CA PHE B 114 23.22 -45.72 28.78
C PHE B 114 23.57 -44.74 29.90
N ARG B 115 24.00 -45.28 31.03
CA ARG B 115 24.17 -44.44 32.21
C ARG B 115 25.48 -43.66 32.26
N PRO B 116 26.68 -44.28 32.01
CA PRO B 116 27.96 -43.56 32.25
C PRO B 116 27.95 -42.09 31.82
N MET B 117 27.41 -41.82 30.63
CA MET B 117 27.12 -40.48 30.11
C MET B 117 28.39 -39.67 29.89
N PRO B 118 28.38 -38.76 28.92
CA PRO B 118 29.54 -37.89 28.71
C PRO B 118 29.63 -36.84 29.81
N PRO B 119 30.75 -36.12 29.90
CA PRO B 119 30.82 -35.02 30.87
C PRO B 119 29.92 -33.88 30.48
N GLU B 120 29.60 -33.04 31.47
CA GLU B 120 28.84 -31.83 31.20
C GLU B 120 29.67 -30.90 30.32
N ALA B 121 28.96 -30.09 29.53
CA ALA B 121 29.46 -29.25 28.42
C ALA B 121 29.76 -30.13 27.21
N GLN B 122 29.57 -31.45 27.31
CA GLN B 122 29.62 -32.35 26.16
C GLN B 122 28.26 -32.99 25.94
N VAL B 123 27.18 -32.24 26.18
CA VAL B 123 25.84 -32.77 26.08
C VAL B 123 25.46 -33.15 24.66
N ASP B 124 26.25 -32.73 23.68
CA ASP B 124 25.96 -33.07 22.29
C ASP B 124 26.37 -34.50 21.95
N SER B 125 27.42 -35.01 22.60
CA SER B 125 28.03 -36.28 22.21
C SER B 125 27.56 -37.42 23.10
N THR B 126 27.85 -38.64 22.66
CA THR B 126 27.52 -39.87 23.37
C THR B 126 28.74 -40.76 23.45
N LEU B 127 29.91 -40.16 23.56
CA LEU B 127 31.17 -40.88 23.50
C LEU B 127 31.73 -41.05 24.91
N ILE B 128 32.23 -42.25 25.19
CA ILE B 128 32.90 -42.57 26.45
C ILE B 128 34.37 -42.80 26.14
N GLN B 129 35.22 -41.94 26.66
CA GLN B 129 36.65 -41.95 26.34
C GLN B 129 37.46 -42.21 27.60
N PHE B 130 38.34 -43.20 27.55
CA PHE B 130 39.21 -43.49 28.67
C PHE B 130 40.38 -44.34 28.19
N LYS B 131 41.47 -44.25 28.93
CA LYS B 131 42.69 -45.01 28.65
C LYS B 131 42.88 -46.06 29.75
N HIS B 132 42.86 -47.33 29.36
CA HIS B 132 43.04 -48.41 30.32
C HIS B 132 44.45 -48.38 30.88
N GLY B 133 44.57 -48.77 32.15
CA GLY B 133 45.84 -48.76 32.85
C GLY B 133 45.83 -47.84 34.05
N ILE B 134 46.82 -48.06 34.92
CA ILE B 134 46.89 -47.32 36.17
C ILE B 134 46.95 -45.82 35.91
N LYS B 135 47.79 -45.40 34.95
CA LYS B 135 47.86 -44.01 34.55
C LYS B 135 46.85 -43.78 33.43
N GLY B 136 45.59 -43.64 33.83
CA GLY B 136 44.51 -43.48 32.87
C GLY B 136 43.51 -42.44 33.33
N ASP B 137 42.60 -42.10 32.42
CA ASP B 137 41.54 -41.11 32.67
C ASP B 137 40.24 -41.77 33.10
N TRP B 138 40.32 -42.93 33.75
CA TRP B 138 39.13 -43.69 34.12
C TRP B 138 38.30 -43.01 35.20
N GLN B 139 38.84 -41.97 35.84
CA GLN B 139 38.28 -41.50 37.11
C GLN B 139 36.86 -40.97 36.95
N TYR B 140 36.62 -40.18 35.90
CA TYR B 140 35.30 -39.57 35.74
C TYR B 140 34.22 -40.62 35.52
N TRP B 141 34.47 -41.56 34.61
CA TRP B 141 33.47 -42.59 34.33
C TRP B 141 33.22 -43.46 35.55
N VAL B 142 34.29 -43.84 36.26
CA VAL B 142 34.14 -44.67 37.44
C VAL B 142 33.34 -43.95 38.52
N HIS B 143 33.66 -42.68 38.76
CA HIS B 143 32.95 -41.91 39.78
C HIS B 143 31.49 -41.72 39.41
N SER B 144 31.21 -41.45 38.13
CA SER B 144 29.82 -41.29 37.71
C SER B 144 29.04 -42.59 37.87
N LEU B 145 29.63 -43.72 37.48
CA LEU B 145 28.96 -45.00 37.65
C LEU B 145 28.73 -45.31 39.13
N THR B 146 29.69 -44.94 39.98
CA THR B 146 29.51 -45.11 41.41
C THR B 146 28.37 -44.24 41.93
N GLU B 147 28.30 -43.00 41.46
CA GLU B 147 27.26 -42.09 41.93
C GLU B 147 25.88 -42.57 41.52
N PHE B 148 25.75 -43.08 40.29
CA PHE B 148 24.44 -43.57 39.85
C PHE B 148 23.96 -44.74 40.69
N LEU B 149 24.86 -45.69 40.96
CA LEU B 149 24.50 -46.88 41.72
C LEU B 149 24.45 -46.63 43.22
N GLU B 150 24.51 -45.38 43.66
CA GLU B 150 24.44 -45.09 45.09
C GLU B 150 23.12 -45.52 45.74
N PRO B 151 21.94 -45.19 45.19
CA PRO B 151 20.71 -45.62 45.86
C PRO B 151 20.55 -47.13 45.94
N TYR B 152 21.17 -47.88 45.04
CA TYR B 152 21.02 -49.32 45.03
C TYR B 152 21.75 -50.01 46.18
N GLU B 153 22.59 -49.30 46.92
CA GLU B 153 23.33 -49.87 48.04
C GLU B 153 22.93 -49.29 49.38
N THR B 154 22.77 -47.96 49.47
CA THR B 154 22.55 -47.34 50.77
C THR B 154 21.13 -47.59 51.27
N LEU B 155 20.13 -47.16 50.51
CA LEU B 155 18.74 -47.33 50.94
C LEU B 155 18.33 -48.80 50.93
N THR B 156 18.90 -49.59 50.02
CA THR B 156 18.61 -51.02 50.00
C THR B 156 19.20 -51.74 51.21
N SER B 157 20.20 -51.15 51.86
CA SER B 157 20.73 -51.75 53.09
C SER B 157 19.66 -51.80 54.17
N SER B 158 18.85 -50.76 54.28
CA SER B 158 17.71 -50.76 55.20
C SER B 158 16.48 -51.38 54.54
N GLY B 159 16.04 -50.81 53.43
CA GLY B 159 14.90 -51.33 52.70
C GLY B 159 13.61 -51.37 53.49
N GLN B 160 13.24 -50.23 54.10
CA GLN B 160 12.03 -50.19 54.91
C GLN B 160 10.79 -50.50 54.09
N GLU B 161 10.67 -49.90 52.91
CA GLU B 161 9.58 -50.20 52.00
C GLU B 161 10.00 -51.08 50.83
N PHE B 162 11.29 -51.33 50.67
CA PHE B 162 11.77 -52.18 49.59
C PHE B 162 11.25 -53.60 49.78
N THR B 163 10.93 -54.26 48.67
CA THR B 163 10.44 -55.63 48.68
C THR B 163 11.36 -56.49 47.83
N ASN B 164 11.78 -57.62 48.38
CA ASN B 164 12.62 -58.57 47.65
C ASN B 164 11.73 -59.30 46.65
N CYS B 165 11.47 -58.63 45.54
CA CYS B 165 10.56 -59.14 44.53
C CYS B 165 11.20 -60.32 43.78
N ASP B 166 10.35 -61.04 43.04
CA ASP B 166 10.81 -62.11 42.17
C ASP B 166 9.77 -62.33 41.09
N PHE B 167 10.09 -63.22 40.15
CA PHE B 167 9.23 -63.44 39.00
C PHE B 167 7.86 -63.96 39.42
N ASP B 168 7.82 -64.83 40.42
CA ASP B 168 6.57 -65.38 40.93
C ASP B 168 6.02 -64.59 42.11
N LYS B 169 6.71 -63.53 42.55
CA LYS B 169 6.24 -62.71 43.66
C LYS B 169 5.91 -61.31 43.17
N PRO B 170 4.62 -60.97 43.04
CA PRO B 170 4.28 -59.61 42.61
C PRO B 170 4.59 -58.61 43.69
N PRO B 171 4.89 -57.37 43.34
CA PRO B 171 5.14 -56.34 44.35
C PRO B 171 3.87 -55.98 45.11
N GLN B 172 4.08 -55.48 46.33
CA GLN B 172 2.98 -54.91 47.09
C GLN B 172 2.78 -53.46 46.70
N GLU B 173 1.51 -53.03 46.76
CA GLU B 173 1.17 -51.66 46.34
C GLU B 173 1.92 -50.65 47.19
N GLY B 174 2.51 -49.65 46.53
CA GLY B 174 3.30 -48.66 47.22
C GLY B 174 4.67 -49.14 47.65
N LYS B 175 5.15 -50.25 47.08
CA LYS B 175 6.47 -50.79 47.40
C LYS B 175 7.25 -50.99 46.12
N ALA B 176 8.42 -50.35 46.04
CA ALA B 176 9.29 -50.51 44.89
C ALA B 176 10.08 -51.81 44.99
N CYS B 177 10.10 -52.58 43.92
CA CYS B 177 10.84 -53.84 43.92
C CYS B 177 12.33 -53.58 44.03
N ASN B 178 13.00 -54.40 44.82
CA ASN B 178 14.42 -54.21 45.09
C ASN B 178 15.26 -54.56 43.87
N PHE B 179 16.50 -54.06 43.87
CA PHE B 179 17.50 -54.40 42.85
C PHE B 179 18.86 -54.41 43.55
N ASN B 180 19.28 -55.60 43.98
CA ASN B 180 20.55 -55.71 44.68
C ASN B 180 21.71 -55.47 43.71
N VAL B 181 22.73 -54.79 44.21
CA VAL B 181 23.91 -54.52 43.38
C VAL B 181 24.66 -55.82 43.11
N GLU B 182 24.65 -56.75 44.06
CA GLU B 182 25.34 -58.02 43.84
C GLU B 182 24.74 -58.79 42.66
N LEU B 183 23.51 -58.44 42.27
CA LEU B 183 22.90 -59.04 41.09
C LEU B 183 23.62 -58.62 39.82
N LEU B 184 24.41 -57.54 39.88
CA LEU B 184 25.24 -57.11 38.76
C LEU B 184 26.61 -57.77 38.74
N GLY B 185 26.76 -58.93 39.38
CA GLY B 185 28.02 -59.64 39.33
C GLY B 185 29.10 -58.96 40.17
N ASP B 186 30.34 -59.36 39.90
CA ASP B 186 31.51 -58.82 40.59
C ASP B 186 32.29 -57.82 39.77
N HIS B 187 32.31 -57.95 38.44
CA HIS B 187 33.15 -57.09 37.62
C HIS B 187 32.59 -55.67 37.57
N CYS B 188 31.26 -55.54 37.50
CA CYS B 188 30.62 -54.22 37.55
C CYS B 188 30.45 -53.76 39.00
N THR B 189 31.59 -53.59 39.67
CA THR B 189 31.61 -53.13 41.05
C THR B 189 32.65 -52.03 41.20
N LYS B 190 32.35 -51.05 42.05
CA LYS B 190 33.31 -49.99 42.32
C LYS B 190 34.62 -50.52 42.88
N GLU B 191 34.59 -51.69 43.51
CA GLU B 191 35.82 -52.28 44.04
C GLU B 191 36.82 -52.57 42.94
N ASN B 192 36.36 -53.15 41.84
CA ASN B 192 37.22 -53.37 40.67
C ASN B 192 37.10 -52.20 39.69
N ASN B 193 37.17 -50.98 40.23
CA ASN B 193 37.10 -49.73 39.47
C ASN B 193 36.01 -49.76 38.40
N PHE B 194 34.92 -50.46 38.66
CA PHE B 194 33.82 -50.61 37.71
C PHE B 194 34.31 -51.11 36.34
N GLY B 195 35.37 -51.90 36.34
CA GLY B 195 35.86 -52.50 35.11
C GLY B 195 36.64 -51.58 34.20
N TYR B 196 36.73 -50.29 34.52
CA TYR B 196 37.46 -49.35 33.69
C TYR B 196 38.96 -49.38 33.95
N GLU B 197 39.45 -50.44 34.60
CA GLU B 197 40.84 -50.56 35.01
C GLU B 197 41.63 -51.50 34.12
N LEU B 198 41.13 -52.72 33.90
CA LEU B 198 41.84 -53.74 33.15
C LEU B 198 41.61 -53.64 31.65
N GLY B 199 40.88 -52.64 31.18
CA GLY B 199 40.55 -52.53 29.78
C GLY B 199 39.28 -53.24 29.38
N LYS B 200 38.40 -53.56 30.32
CA LYS B 200 37.14 -54.24 30.05
C LYS B 200 36.03 -53.40 30.67
N PRO B 201 35.66 -52.30 30.04
CA PRO B 201 34.63 -51.43 30.60
C PRO B 201 33.27 -52.11 30.59
N CYS B 202 32.44 -51.74 31.57
CA CYS B 202 31.09 -52.26 31.66
C CYS B 202 30.13 -51.10 31.83
N VAL B 203 29.10 -51.06 31.00
CA VAL B 203 28.21 -49.90 30.86
C VAL B 203 26.79 -50.35 31.20
N LEU B 204 26.14 -49.60 32.09
CA LEU B 204 24.78 -49.93 32.51
C LEU B 204 23.77 -49.40 31.50
N ILE B 205 22.66 -50.12 31.37
CA ILE B 205 21.55 -49.74 30.50
C ILE B 205 20.26 -49.85 31.29
N LYS B 206 19.36 -48.89 31.06
CA LYS B 206 18.09 -48.83 31.79
C LYS B 206 16.96 -48.44 30.85
N LEU B 207 15.76 -48.87 31.18
CA LEU B 207 14.56 -48.53 30.42
C LEU B 207 13.97 -47.22 30.89
N ASN B 208 13.33 -46.51 29.96
CA ASN B 208 12.55 -45.34 30.32
C ASN B 208 11.40 -45.75 31.24
N LYS B 209 11.15 -44.95 32.27
CA LYS B 209 10.06 -45.20 33.19
C LYS B 209 8.83 -44.42 32.72
N ILE B 210 8.11 -44.98 31.77
CA ILE B 210 6.85 -44.40 31.34
C ILE B 210 5.80 -44.71 32.39
N PHE B 211 5.10 -43.68 32.84
CA PHE B 211 4.15 -43.83 33.93
C PHE B 211 3.02 -44.78 33.52
N GLY B 212 2.66 -45.68 34.43
CA GLY B 212 1.55 -46.59 34.19
C GLY B 212 1.77 -47.59 33.09
N TRP B 213 3.00 -47.73 32.59
CA TRP B 213 3.25 -48.61 31.45
C TRP B 213 3.04 -50.06 31.86
N ARG B 214 2.50 -50.85 30.92
CA ARG B 214 2.15 -52.25 31.14
C ARG B 214 2.86 -53.07 30.08
N PRO B 215 4.07 -53.55 30.34
CA PRO B 215 4.81 -54.30 29.32
C PRO B 215 4.12 -55.62 29.00
N GLU B 216 4.19 -55.98 27.73
CA GLU B 216 3.69 -57.26 27.24
C GLU B 216 4.87 -58.02 26.65
N VAL B 217 5.15 -59.20 27.18
CA VAL B 217 6.31 -59.98 26.78
C VAL B 217 5.85 -61.19 25.98
N TYR B 218 6.74 -61.67 25.12
CA TYR B 218 6.42 -62.82 24.28
C TYR B 218 6.20 -64.06 25.12
N ASN B 219 5.17 -64.82 24.78
CA ASN B 219 4.78 -66.01 25.52
C ASN B 219 5.25 -67.30 24.89
N SER B 220 6.09 -67.22 23.85
CA SER B 220 6.59 -68.42 23.19
C SER B 220 7.86 -68.07 22.43
N SER B 221 8.63 -69.12 22.13
CA SER B 221 9.79 -68.98 21.25
C SER B 221 9.39 -68.89 19.78
N ALA B 222 8.12 -69.02 19.46
CA ALA B 222 7.61 -68.80 18.11
C ALA B 222 6.95 -67.44 17.94
N GLU B 223 6.44 -66.85 19.03
CA GLU B 223 5.84 -65.53 18.97
C GLU B 223 6.88 -64.45 18.70
N VAL B 224 8.14 -64.70 19.02
CA VAL B 224 9.19 -63.69 18.85
C VAL B 224 9.29 -63.30 17.38
N PRO B 225 9.56 -62.05 17.05
CA PRO B 225 9.59 -61.63 15.65
C PRO B 225 10.92 -62.01 15.00
N GLU B 226 11.04 -61.70 13.73
CA GLU B 226 12.31 -61.81 13.03
C GLU B 226 13.18 -60.60 13.37
N ASP B 227 14.36 -60.54 12.77
CA ASP B 227 15.29 -59.43 12.89
C ASP B 227 15.93 -59.38 14.28
N MET B 228 15.46 -60.23 15.19
CA MET B 228 16.13 -60.35 16.48
C MET B 228 17.42 -61.13 16.30
N PRO B 229 18.51 -60.72 16.95
CA PRO B 229 19.77 -61.46 16.82
C PRO B 229 19.63 -62.91 17.26
N ALA B 230 20.35 -63.80 16.56
CA ALA B 230 20.26 -65.22 16.86
C ALA B 230 20.67 -65.52 18.29
N ASP B 231 21.57 -64.72 18.86
CA ASP B 231 21.96 -64.91 20.25
C ASP B 231 20.75 -64.79 21.17
N LEU B 232 19.92 -63.76 20.95
CA LEU B 232 18.76 -63.57 21.80
C LEU B 232 17.71 -64.66 21.58
N LYS B 233 17.56 -65.15 20.33
CA LYS B 233 16.64 -66.24 20.10
C LYS B 233 17.09 -67.52 20.79
N SER B 234 18.39 -67.82 20.74
CA SER B 234 18.91 -68.97 21.47
C SER B 234 18.72 -68.81 22.96
N TYR B 235 18.95 -67.60 23.48
CA TYR B 235 18.72 -67.33 24.90
C TYR B 235 17.26 -67.54 25.27
N ILE B 236 16.34 -67.11 24.39
CA ILE B 236 14.91 -67.28 24.64
C ILE B 236 14.56 -68.77 24.67
N LYS B 237 15.10 -69.53 23.72
CA LYS B 237 14.85 -70.97 23.70
C LYS B 237 15.37 -71.63 24.96
N ASP B 238 16.56 -71.24 25.41
CA ASP B 238 17.12 -71.80 26.64
C ASP B 238 16.24 -71.46 27.84
N ILE B 239 15.78 -70.21 27.93
CA ILE B 239 14.93 -69.80 29.04
C ILE B 239 13.62 -70.59 29.03
N GLU B 240 13.01 -70.73 27.85
CA GLU B 240 11.75 -71.45 27.75
C GLU B 240 11.93 -72.92 28.11
N THR B 241 13.03 -73.54 27.68
CA THR B 241 13.31 -74.91 28.07
C THR B 241 13.52 -75.02 29.58
N GLY B 242 14.21 -74.06 30.18
CA GLY B 242 14.41 -74.05 31.61
C GLY B 242 13.20 -73.56 32.36
N ASN B 243 13.43 -72.73 33.39
CA ASN B 243 12.32 -72.18 34.17
C ASN B 243 11.46 -71.29 33.29
N LYS B 244 10.19 -71.67 33.12
CA LYS B 244 9.29 -70.93 32.24
C LYS B 244 8.91 -69.57 32.83
N THR B 245 9.11 -69.37 34.12
CA THR B 245 8.76 -68.10 34.74
C THR B 245 9.66 -66.98 34.23
N HIS B 246 10.95 -67.28 34.01
CA HIS B 246 11.92 -66.25 33.64
C HIS B 246 11.66 -65.64 32.27
N MET B 247 10.84 -66.27 31.43
CA MET B 247 10.55 -65.71 30.12
C MET B 247 9.65 -64.50 30.19
N ASN B 248 9.06 -64.22 31.35
CA ASN B 248 8.24 -63.02 31.55
C ASN B 248 9.16 -61.86 31.89
N MET B 249 9.78 -61.28 30.86
CA MET B 249 10.67 -60.15 31.03
C MET B 249 10.94 -59.51 29.68
N VAL B 250 11.40 -58.26 29.72
CA VAL B 250 11.72 -57.50 28.51
C VAL B 250 13.17 -57.79 28.15
N TRP B 251 13.41 -58.09 26.87
CA TRP B 251 14.69 -58.60 26.40
C TRP B 251 15.52 -57.49 25.77
N LEU B 252 16.76 -57.37 26.22
CA LEU B 252 17.71 -56.41 25.68
C LEU B 252 18.67 -57.11 24.72
N SER B 253 19.23 -56.33 23.78
CA SER B 253 20.19 -56.87 22.83
C SER B 253 21.02 -55.72 22.29
N CYS B 254 22.33 -55.77 22.53
CA CYS B 254 23.26 -54.75 22.07
C CYS B 254 24.04 -55.27 20.88
N GLU B 255 24.17 -54.43 19.86
CA GLU B 255 24.90 -54.79 18.65
C GLU B 255 25.48 -53.52 18.04
N GLY B 256 26.54 -53.70 17.24
CA GLY B 256 27.11 -52.56 16.55
C GLY B 256 26.14 -51.99 15.53
N GLU B 257 26.25 -50.67 15.32
CA GLU B 257 25.37 -50.01 14.35
C GLU B 257 25.90 -50.19 12.93
N THR B 258 27.09 -49.66 12.66
CA THR B 258 27.70 -49.79 11.35
C THR B 258 28.13 -51.23 11.12
N ALA B 259 28.07 -51.66 9.84
CA ALA B 259 28.37 -53.04 9.50
C ALA B 259 29.73 -53.48 10.02
N ASN B 260 30.72 -52.57 10.04
CA ASN B 260 32.02 -52.93 10.59
C ASN B 260 31.98 -52.95 12.12
N ASP B 261 31.18 -52.07 12.74
CA ASP B 261 31.04 -52.10 14.19
C ASP B 261 30.48 -53.43 14.69
N LYS B 262 29.85 -54.21 13.81
CA LYS B 262 29.42 -55.55 14.20
C LYS B 262 30.59 -56.43 14.60
N GLU B 263 31.69 -56.34 13.85
CA GLU B 263 32.86 -57.17 14.10
C GLU B 263 33.97 -56.45 14.86
N LYS B 264 33.87 -55.13 15.05
CA LYS B 264 34.87 -54.42 15.83
C LYS B 264 34.47 -54.24 17.30
N ILE B 265 33.34 -54.81 17.72
CA ILE B 265 32.84 -54.59 19.07
C ILE B 265 33.21 -55.76 19.97
N GLY B 266 33.34 -56.96 19.38
CA GLY B 266 33.63 -58.13 20.18
C GLY B 266 32.42 -58.62 20.95
N THR B 267 32.67 -59.61 21.80
CA THR B 267 31.61 -60.22 22.59
C THR B 267 31.10 -59.27 23.66
N ILE B 268 29.86 -59.48 24.07
CA ILE B 268 29.21 -58.67 25.09
C ILE B 268 28.70 -59.60 26.19
N THR B 269 28.96 -59.24 27.44
CA THR B 269 28.56 -60.05 28.59
C THR B 269 27.51 -59.28 29.38
N TYR B 270 26.25 -59.60 29.13
CA TYR B 270 25.16 -59.06 29.96
C TYR B 270 25.20 -59.75 31.30
N THR B 271 25.87 -59.14 32.28
CA THR B 271 26.10 -59.82 33.55
C THR B 271 24.81 -60.13 34.30
N PRO B 272 23.86 -59.20 34.47
CA PRO B 272 22.55 -59.59 34.99
C PRO B 272 21.74 -60.29 33.93
N PHE B 273 20.45 -60.54 34.19
CA PHE B 273 19.58 -61.16 33.20
C PHE B 273 19.69 -60.45 31.86
N ARG B 274 19.63 -61.22 30.78
CA ARG B 274 19.79 -60.66 29.45
C ARG B 274 18.54 -59.86 29.08
N GLY B 275 18.32 -58.75 29.77
CA GLY B 275 17.13 -57.96 29.61
C GLY B 275 16.51 -57.69 30.97
N PHE B 276 15.74 -56.61 31.05
CA PHE B 276 15.12 -56.25 32.31
C PHE B 276 14.01 -57.23 32.66
N PRO B 277 13.71 -57.41 33.94
CA PRO B 277 12.56 -58.22 34.33
C PRO B 277 11.26 -57.48 34.07
N ALA B 278 10.15 -58.16 34.35
CA ALA B 278 8.83 -57.62 34.08
C ALA B 278 8.02 -57.36 35.34
N TYR B 279 8.65 -57.37 36.51
CA TYR B 279 7.97 -57.12 37.77
C TYR B 279 8.48 -55.84 38.45
N TYR B 280 8.81 -54.83 37.65
CA TYR B 280 9.11 -53.50 38.19
C TYR B 280 8.24 -52.47 37.48
N TYR B 281 7.68 -52.88 36.34
CA TYR B 281 7.39 -51.93 35.27
C TYR B 281 6.13 -51.10 35.47
N PRO B 282 5.05 -51.58 36.10
CA PRO B 282 3.93 -50.68 36.38
C PRO B 282 4.33 -49.57 37.34
N TYR B 283 5.06 -48.59 36.78
CA TYR B 283 5.85 -47.62 37.52
C TYR B 283 5.07 -46.92 38.63
N LEU B 284 4.04 -46.17 38.27
CA LEU B 284 3.14 -45.49 39.20
C LEU B 284 3.86 -44.56 40.18
N ASN B 285 5.15 -44.28 39.94
CA ASN B 285 5.93 -43.34 40.74
C ASN B 285 5.86 -43.67 42.24
N VAL B 286 6.32 -44.86 42.57
CA VAL B 286 6.48 -45.23 43.98
C VAL B 286 7.69 -44.50 44.55
N PRO B 287 7.58 -43.85 45.71
CA PRO B 287 8.74 -43.16 46.27
C PRO B 287 9.90 -44.12 46.50
N GLY B 288 11.11 -43.65 46.19
CA GLY B 288 12.27 -44.50 46.24
C GLY B 288 12.26 -45.63 45.23
N TYR B 289 11.85 -45.34 43.99
CA TYR B 289 11.83 -46.34 42.94
C TYR B 289 13.24 -46.57 42.42
N LEU B 290 13.59 -47.84 42.21
CA LEU B 290 14.88 -48.24 41.66
C LEU B 290 14.65 -48.91 40.32
N THR B 291 15.08 -48.26 39.25
CA THR B 291 14.89 -48.80 37.91
C THR B 291 15.82 -49.99 37.70
N PRO B 292 15.32 -51.10 37.15
CA PRO B 292 16.22 -52.21 36.81
C PRO B 292 17.21 -51.79 35.75
N VAL B 293 18.42 -52.33 35.84
CA VAL B 293 19.49 -52.02 34.91
C VAL B 293 20.13 -53.32 34.44
N VAL B 294 20.53 -53.35 33.18
CA VAL B 294 21.27 -54.46 32.60
C VAL B 294 22.69 -53.98 32.36
N ALA B 295 23.66 -54.66 32.95
CA ALA B 295 25.05 -54.22 32.91
C ALA B 295 25.76 -54.97 31.78
N LEU B 296 26.12 -54.25 30.72
CA LEU B 296 26.95 -54.83 29.69
C LEU B 296 28.34 -55.07 30.21
N GLN B 297 29.16 -55.78 29.43
CA GLN B 297 30.56 -55.98 29.78
C GLN B 297 31.31 -56.24 28.48
N PHE B 298 32.01 -55.22 28.00
CA PHE B 298 32.72 -55.31 26.72
C PHE B 298 34.03 -56.04 26.97
N GLY B 299 33.99 -57.36 26.82
CA GLY B 299 35.16 -58.17 27.13
C GLY B 299 36.33 -57.92 26.20
N SER B 300 36.07 -57.82 24.90
CA SER B 300 37.11 -57.66 23.90
C SER B 300 36.85 -56.38 23.11
N LEU B 301 37.68 -55.37 23.33
CA LEU B 301 37.58 -54.11 22.61
C LEU B 301 38.96 -53.70 22.16
N GLN B 302 39.13 -53.50 20.86
CA GLN B 302 40.43 -53.13 20.32
C GLN B 302 40.82 -51.72 20.76
N ASN B 303 42.09 -51.56 21.11
CA ASN B 303 42.59 -50.27 21.56
C ASN B 303 42.63 -49.28 20.41
N GLY B 304 42.27 -48.03 20.70
CA GLY B 304 42.33 -46.97 19.71
C GLY B 304 41.43 -47.18 18.51
N GLN B 305 40.20 -47.62 18.75
CA GLN B 305 39.28 -47.93 17.65
C GLN B 305 37.86 -47.71 18.15
N ALA B 306 37.12 -46.82 17.48
CA ALA B 306 35.80 -46.41 17.94
C ALA B 306 34.74 -47.45 17.57
N VAL B 307 33.78 -47.62 18.47
CA VAL B 307 32.70 -48.58 18.30
C VAL B 307 31.39 -47.89 18.65
N ASN B 308 30.44 -47.93 17.72
CA ASN B 308 29.11 -47.38 17.94
C ASN B 308 28.14 -48.53 18.19
N VAL B 309 27.41 -48.46 19.30
CA VAL B 309 26.54 -49.55 19.72
C VAL B 309 25.10 -49.05 19.74
N GLU B 310 24.17 -49.98 19.49
CA GLU B 310 22.74 -49.68 19.55
C GLU B 310 22.05 -50.85 20.21
N CYS B 311 21.40 -50.59 21.34
CA CYS B 311 20.72 -51.63 22.12
C CYS B 311 19.21 -51.38 22.10
N LYS B 312 18.46 -52.41 21.72
CA LYS B 312 17.02 -52.29 21.55
C LYS B 312 16.29 -53.26 22.47
N ALA B 313 15.23 -52.79 23.10
CA ALA B 313 14.36 -53.68 23.86
C ALA B 313 13.56 -54.56 22.90
N TRP B 314 13.04 -55.67 23.43
CA TRP B 314 12.27 -56.62 22.62
C TRP B 314 11.04 -57.04 23.41
N ALA B 315 9.95 -56.30 23.22
CA ALA B 315 8.64 -56.64 23.76
C ALA B 315 7.61 -56.40 22.67
N ASN B 316 6.45 -57.04 22.82
CA ASN B 316 5.43 -56.95 21.78
C ASN B 316 4.92 -55.53 21.59
N ASN B 317 4.66 -54.82 22.68
CA ASN B 317 4.22 -53.43 22.58
C ASN B 317 5.40 -52.46 22.67
N ILE B 318 6.44 -52.71 21.89
CA ILE B 318 7.62 -51.86 21.81
C ILE B 318 8.08 -51.81 20.37
N SER B 319 8.16 -50.60 19.80
CA SER B 319 8.64 -50.43 18.45
C SER B 319 10.15 -50.21 18.45
N ARG B 320 10.75 -50.34 17.27
CA ARG B 320 12.18 -50.13 17.10
C ARG B 320 12.42 -49.41 15.79
N ASP B 321 13.26 -48.38 15.82
CA ASP B 321 13.55 -47.60 14.63
C ASP B 321 14.96 -47.04 14.73
N ARG B 322 15.72 -47.16 13.64
CA ARG B 322 17.11 -46.71 13.60
C ARG B 322 17.25 -45.20 13.49
N GLN B 323 16.17 -44.47 13.25
CA GLN B 323 16.23 -43.04 13.00
C GLN B 323 15.66 -42.23 14.17
N ARG B 324 14.41 -42.49 14.56
CA ARG B 324 13.85 -41.83 15.73
C ARG B 324 14.37 -42.42 17.03
N ARG B 325 15.09 -43.53 16.97
CA ARG B 325 15.62 -44.22 18.14
C ARG B 325 14.51 -44.58 19.12
N LEU B 326 13.38 -45.02 18.59
CA LEU B 326 12.31 -45.57 19.41
C LEU B 326 12.67 -46.96 19.87
N GLY B 327 12.45 -47.25 21.16
CA GLY B 327 12.75 -48.57 21.68
C GLY B 327 14.21 -48.95 21.60
N SER B 328 15.11 -47.99 21.49
CA SER B 328 16.53 -48.29 21.37
C SER B 328 17.34 -47.10 21.84
N VAL B 329 18.60 -47.35 22.15
CA VAL B 329 19.54 -46.31 22.55
C VAL B 329 20.82 -46.47 21.74
N HIS B 330 21.55 -45.37 21.60
CA HIS B 330 22.77 -45.35 20.80
C HIS B 330 23.86 -44.64 21.60
N PHE B 331 24.93 -45.37 21.92
CA PHE B 331 26.10 -44.80 22.56
C PHE B 331 27.34 -45.30 21.86
N GLU B 332 28.41 -44.51 21.93
CA GLU B 332 29.67 -44.83 21.28
C GLU B 332 30.75 -44.98 22.35
N ILE B 333 31.51 -46.08 22.27
CA ILE B 333 32.56 -46.37 23.22
C ILE B 333 33.86 -46.58 22.44
N ARG B 334 34.93 -45.92 22.89
CA ARG B 334 36.24 -46.06 22.29
C ARG B 334 37.29 -46.14 23.39
N MET B 335 38.19 -47.12 23.28
CA MET B 335 39.23 -47.34 24.26
C MET B 335 40.59 -47.04 23.64
N ASP B 336 41.40 -46.27 24.36
CA ASP B 336 42.77 -46.00 23.92
C ASP B 336 43.76 -46.58 24.92
#